data_1OKJ
#
_entry.id   1OKJ
#
_cell.length_a   76.340
_cell.length_b   97.600
_cell.length_c   141.940
_cell.angle_alpha   90.00
_cell.angle_beta   90.00
_cell.angle_gamma   90.00
#
_symmetry.space_group_name_H-M   'P 21 21 21'
#
loop_
_entity.id
_entity.type
_entity.pdbx_description
1 polymer 'TRNA THREONYLCARBAMOYLADENOSINE BIOSYNTHESIS PROTEIN TSAB'
2 non-polymer 'GADOLINIUM ION'
3 water water
#
_entity_poly.entity_id   1
_entity_poly.type   'polypeptide(L)'
_entity_poly.pdbx_seq_one_letter_code
;SYYHHHHHHLESTSLYKKAGLRILAIDTATEACSVALWNDGTVNAHFELCPREHTQRILPMVQDILTTSGTSLTDINALA
YGRGPGSFTGVRIGIGIAQGLALGAELPMIGVSTLMTMAQGAWRKNGATRVLAAIDARMGEVYWAEYQRDENGIWHGEET
EAVLKPEIVHERMQQLSGEWVTVGTGWQAWPDLGKESGLVLRDGEVLLPAAEDMLPIACQMFAEGKTVAVEHAEPVYLRN
NVAWKKLPGKE
;
_entity_poly.pdbx_strand_id   A,B,C,D
#
# COMPACT_ATOMS: atom_id res chain seq x y z
N GLY A 20 21.07 7.68 35.16
CA GLY A 20 21.64 8.36 33.96
C GLY A 20 20.56 8.95 33.07
N LEU A 21 20.87 9.12 31.78
CA LEU A 21 19.91 9.68 30.83
C LEU A 21 19.40 8.63 29.85
N ARG A 22 18.08 8.57 29.66
CA ARG A 22 17.47 7.61 28.74
C ARG A 22 16.45 8.28 27.84
N ILE A 23 16.59 8.06 26.53
CA ILE A 23 15.67 8.63 25.56
C ILE A 23 15.21 7.57 24.56
N LEU A 24 13.90 7.51 24.34
CA LEU A 24 13.31 6.57 23.41
C LEU A 24 12.85 7.34 22.17
N ALA A 25 13.39 6.96 21.02
CA ALA A 25 13.08 7.62 19.76
C ALA A 25 12.18 6.78 18.85
N ILE A 26 11.23 7.43 18.19
CA ILE A 26 10.32 6.76 17.28
C ILE A 26 10.18 7.53 15.97
N ASP A 27 10.19 6.81 14.85
CA ASP A 27 10.05 7.44 13.55
C ASP A 27 9.21 6.62 12.56
N THR A 28 8.22 7.29 11.97
CA THR A 28 7.34 6.68 10.99
C THR A 28 7.11 7.71 9.87
N ALA A 29 7.93 8.74 9.84
CA ALA A 29 7.80 9.83 8.87
C ALA A 29 7.91 9.46 7.39
N THR A 30 8.78 8.50 7.09
CA THR A 30 8.97 8.10 5.70
C THR A 30 8.60 6.64 5.52
N GLU A 31 9.12 6.05 4.45
CA GLU A 31 8.87 4.65 4.16
C GLU A 31 9.47 3.74 5.24
N ALA A 32 10.33 4.31 6.08
CA ALA A 32 10.94 3.55 7.14
C ALA A 32 10.29 3.84 8.51
N CYS A 33 10.23 2.82 9.35
CA CYS A 33 9.65 2.92 10.70
C CYS A 33 10.78 2.34 11.52
N SER A 34 11.16 3.05 12.57
CA SER A 34 12.25 2.62 13.42
C SER A 34 12.09 3.11 14.84
N VAL A 35 12.69 2.38 15.77
CA VAL A 35 12.65 2.74 17.18
C VAL A 35 14.08 2.61 17.70
N ALA A 36 14.44 3.42 18.69
CA ALA A 36 15.80 3.37 19.22
C ALA A 36 15.85 3.90 20.63
N LEU A 37 16.50 3.16 21.50
CA LEU A 37 16.63 3.55 22.88
C LEU A 37 18.07 3.93 23.22
N TRP A 38 18.22 5.13 23.75
CA TRP A 38 19.52 5.61 24.16
C TRP A 38 19.53 5.40 25.67
N ASN A 39 20.49 4.62 26.16
CA ASN A 39 20.60 4.33 27.58
C ASN A 39 22.03 4.58 28.07
N ASP A 40 22.31 5.83 28.45
CA ASP A 40 23.63 6.25 28.95
C ASP A 40 24.71 6.27 27.88
N GLY A 41 24.70 5.26 27.02
CA GLY A 41 25.69 5.17 25.96
C GLY A 41 25.37 3.95 25.12
N THR A 42 24.55 3.07 25.69
CA THR A 42 24.14 1.85 25.01
C THR A 42 22.96 2.16 24.09
N VAL A 43 23.16 1.96 22.80
CA VAL A 43 22.10 2.18 21.82
C VAL A 43 21.49 0.86 21.37
N ASN A 44 20.19 0.73 21.56
CA ASN A 44 19.46 -0.47 21.14
C ASN A 44 18.42 -0.02 20.12
N ALA A 45 18.61 -0.39 18.86
CA ALA A 45 17.69 0.02 17.82
C ALA A 45 17.22 -1.05 16.85
N HIS A 46 16.12 -0.75 16.17
CA HIS A 46 15.54 -1.62 15.16
C HIS A 46 15.24 -0.71 13.96
N PHE A 47 15.26 -1.28 12.76
CA PHE A 47 14.98 -0.51 11.56
C PHE A 47 14.36 -1.44 10.53
N GLU A 48 13.33 -0.93 9.85
CA GLU A 48 12.63 -1.70 8.84
C GLU A 48 11.87 -0.77 7.92
N LEU A 49 11.35 -1.35 6.85
CA LEU A 49 10.53 -0.61 5.91
C LEU A 49 9.12 -0.91 6.39
N CYS A 50 8.29 0.11 6.55
CA CYS A 50 6.93 -0.07 7.02
C CYS A 50 6.11 -0.80 5.98
N PRO A 51 5.35 -1.82 6.43
CA PRO A 51 4.49 -2.64 5.57
C PRO A 51 3.26 -1.82 5.18
N ARG A 52 2.32 -2.43 4.46
CA ARG A 52 1.12 -1.71 4.04
C ARG A 52 0.49 -1.05 5.28
N GLU A 53 0.39 -1.80 6.38
CA GLU A 53 -0.12 -1.21 7.61
C GLU A 53 1.11 -0.52 8.18
N HIS A 54 1.30 0.72 7.75
CA HIS A 54 2.44 1.53 8.12
C HIS A 54 3.12 1.32 9.48
N THR A 55 2.42 1.56 10.58
CA THR A 55 3.05 1.42 11.89
C THR A 55 2.84 0.12 12.65
N GLN A 56 2.26 -0.86 11.98
CA GLN A 56 1.98 -2.17 12.56
C GLN A 56 3.16 -2.86 13.27
N ARG A 57 4.38 -2.38 13.01
CA ARG A 57 5.58 -2.96 13.63
C ARG A 57 6.19 -2.10 14.74
N ILE A 58 5.73 -0.86 14.86
CA ILE A 58 6.28 0.03 15.87
C ILE A 58 6.12 -0.51 17.28
N LEU A 59 4.90 -0.86 17.69
CA LEU A 59 4.73 -1.40 19.04
C LEU A 59 5.59 -2.64 19.25
N PRO A 60 5.56 -3.59 18.30
CA PRO A 60 6.42 -4.74 18.55
C PRO A 60 7.87 -4.31 18.75
N MET A 61 8.35 -3.38 17.93
CA MET A 61 9.73 -2.91 18.04
C MET A 61 9.98 -2.30 19.40
N VAL A 62 9.03 -1.50 19.89
CA VAL A 62 9.19 -0.87 21.20
C VAL A 62 9.22 -1.93 22.30
N GLN A 63 8.37 -2.93 22.20
CA GLN A 63 8.32 -3.98 23.21
C GLN A 63 9.63 -4.77 23.22
N ASP A 64 10.15 -5.09 22.03
CA ASP A 64 11.39 -5.85 21.93
C ASP A 64 12.57 -5.08 22.50
N ILE A 65 12.64 -3.79 22.18
CA ILE A 65 13.74 -2.97 22.66
C ILE A 65 13.72 -2.79 24.17
N LEU A 66 12.55 -2.48 24.73
CA LEU A 66 12.44 -2.27 26.18
C LEU A 66 12.77 -3.54 26.95
N THR A 67 12.24 -4.68 26.51
CA THR A 67 12.48 -5.95 27.18
C THR A 67 13.95 -6.38 27.10
N THR A 68 14.51 -6.37 25.89
CA THR A 68 15.90 -6.77 25.67
C THR A 68 16.91 -5.88 26.40
N SER A 69 16.56 -4.62 26.63
CA SER A 69 17.45 -3.71 27.32
C SER A 69 17.16 -3.74 28.81
N GLY A 70 16.11 -4.45 29.19
CA GLY A 70 15.75 -4.51 30.59
C GLY A 70 15.29 -3.16 31.11
N THR A 71 14.92 -2.27 30.20
CA THR A 71 14.47 -0.92 30.56
C THR A 71 12.96 -0.85 30.75
N SER A 72 12.52 0.08 31.59
CA SER A 72 11.10 0.25 31.86
C SER A 72 10.65 1.65 31.41
N LEU A 73 9.48 1.73 30.79
CA LEU A 73 8.96 3.02 30.33
C LEU A 73 8.95 3.99 31.47
N THR A 74 8.73 3.47 32.67
CA THR A 74 8.68 4.30 33.86
C THR A 74 10.04 4.98 34.10
N ASP A 75 11.10 4.43 33.51
CA ASP A 75 12.43 4.98 33.69
C ASP A 75 13.03 5.73 32.52
N ILE A 76 12.23 6.02 31.49
CA ILE A 76 12.72 6.76 30.34
C ILE A 76 12.57 8.25 30.67
N ASN A 77 13.48 9.08 30.18
CA ASN A 77 13.43 10.51 30.47
C ASN A 77 12.70 11.39 29.45
N ALA A 78 12.54 10.92 28.23
CA ALA A 78 11.85 11.72 27.23
C ALA A 78 11.62 10.94 25.95
N LEU A 79 10.53 11.25 25.27
CA LEU A 79 10.22 10.58 24.01
C LEU A 79 10.54 11.48 22.84
N ALA A 80 11.38 10.97 21.96
CA ALA A 80 11.75 11.70 20.75
C ALA A 80 10.92 11.12 19.61
N TYR A 81 10.47 11.99 18.71
CA TYR A 81 9.65 11.55 17.59
C TYR A 81 10.06 12.23 16.29
N GLY A 82 9.89 11.51 15.18
CA GLY A 82 10.20 12.06 13.88
C GLY A 82 9.10 13.05 13.52
N ARG A 83 9.47 14.30 13.35
CA ARG A 83 8.49 15.33 13.04
C ARG A 83 8.27 15.54 11.53
N GLY A 84 9.02 14.81 10.71
CA GLY A 84 8.89 14.97 9.29
C GLY A 84 9.94 15.97 8.84
N PRO A 85 9.87 16.50 7.60
CA PRO A 85 8.84 16.20 6.60
C PRO A 85 8.95 14.78 6.07
N GLY A 86 7.86 14.31 5.48
CA GLY A 86 7.80 12.97 4.93
C GLY A 86 6.37 12.70 4.47
N SER A 87 5.86 11.51 4.78
CA SER A 87 4.48 11.17 4.42
C SER A 87 3.57 11.84 5.44
N PHE A 88 2.44 12.38 4.97
CA PHE A 88 1.48 13.04 5.84
C PHE A 88 0.86 12.07 6.84
N THR A 89 0.49 10.90 6.35
CA THR A 89 -0.13 9.88 7.17
C THR A 89 0.88 9.24 8.11
N GLY A 90 1.99 8.80 7.53
CA GLY A 90 3.01 8.15 8.32
C GLY A 90 3.44 8.90 9.57
N VAL A 91 3.93 10.13 9.38
CA VAL A 91 4.42 10.94 10.49
C VAL A 91 3.47 11.06 11.68
N ARG A 92 2.21 11.38 11.42
CA ARG A 92 1.25 11.55 12.50
C ARG A 92 1.04 10.30 13.34
N ILE A 93 1.02 9.14 12.72
CA ILE A 93 0.81 7.93 13.50
C ILE A 93 1.95 7.75 14.52
N GLY A 94 3.19 7.89 14.06
CA GLY A 94 4.32 7.74 14.96
C GLY A 94 4.25 8.72 16.11
N ILE A 95 3.87 9.95 15.81
CA ILE A 95 3.75 10.96 16.85
C ILE A 95 2.67 10.57 17.86
N GLY A 96 1.52 10.13 17.37
CA GLY A 96 0.45 9.71 18.25
C GLY A 96 0.91 8.60 19.19
N ILE A 97 1.67 7.64 18.67
CA ILE A 97 2.16 6.56 19.50
C ILE A 97 3.06 7.15 20.58
N ALA A 98 3.99 8.01 20.17
CA ALA A 98 4.92 8.63 21.11
C ALA A 98 4.18 9.43 22.17
N GLN A 99 3.14 10.15 21.78
CA GLN A 99 2.37 10.93 22.76
C GLN A 99 1.70 10.01 23.78
N GLY A 100 1.11 8.92 23.30
CA GLY A 100 0.46 7.97 24.19
C GLY A 100 1.45 7.47 25.24
N LEU A 101 2.67 7.13 24.80
CA LEU A 101 3.69 6.64 25.72
C LEU A 101 4.14 7.76 26.67
N ALA A 102 4.36 8.95 26.11
CA ALA A 102 4.82 10.10 26.90
C ALA A 102 3.81 10.57 27.95
N LEU A 103 2.52 10.52 27.64
CA LEU A 103 1.50 10.93 28.59
C LEU A 103 1.46 9.86 29.65
N GLY A 104 1.64 8.63 29.20
CA GLY A 104 1.63 7.50 30.11
C GLY A 104 2.71 7.58 31.17
N ALA A 105 3.91 8.01 30.78
CA ALA A 105 5.01 8.12 31.72
C ALA A 105 5.27 9.56 32.18
N GLU A 106 4.38 10.49 31.84
CA GLU A 106 4.57 11.89 32.22
C GLU A 106 5.94 12.38 31.75
N LEU A 107 6.17 12.31 30.45
CA LEU A 107 7.46 12.72 29.90
C LEU A 107 7.41 13.79 28.84
N PRO A 108 8.48 14.60 28.74
CA PRO A 108 8.52 15.65 27.72
C PRO A 108 8.85 15.00 26.37
N MET A 109 8.49 15.68 25.28
CA MET A 109 8.74 15.12 23.97
C MET A 109 9.70 15.99 23.20
N ILE A 110 10.42 15.37 22.27
CA ILE A 110 11.41 16.04 21.44
C ILE A 110 11.17 15.77 19.94
N GLY A 111 10.83 16.81 19.18
CA GLY A 111 10.61 16.63 17.76
C GLY A 111 11.91 16.71 16.99
N VAL A 112 12.23 15.69 16.20
CA VAL A 112 13.48 15.68 15.44
C VAL A 112 13.24 15.65 13.93
N SER A 113 13.86 16.58 13.23
CA SER A 113 13.72 16.66 11.76
C SER A 113 14.21 15.38 11.08
N THR A 114 13.48 14.92 10.07
CA THR A 114 13.87 13.71 9.36
C THR A 114 15.07 14.01 8.47
N LEU A 115 15.19 15.26 8.05
CA LEU A 115 16.32 15.68 7.20
C LEU A 115 17.60 15.67 8.04
N MET A 116 17.57 16.34 9.18
CA MET A 116 18.73 16.41 10.08
C MET A 116 19.09 14.98 10.50
N THR A 117 18.07 14.18 10.75
CA THR A 117 18.29 12.79 11.14
C THR A 117 19.10 12.06 10.08
N MET A 118 18.76 12.27 8.82
CA MET A 118 19.51 11.61 7.77
C MET A 118 20.91 12.20 7.69
N ALA A 119 21.05 13.48 7.98
CA ALA A 119 22.36 14.12 7.96
C ALA A 119 23.20 13.43 9.02
N GLN A 120 22.68 13.36 10.24
CA GLN A 120 23.37 12.71 11.34
C GLN A 120 23.70 11.27 10.94
N GLY A 121 22.90 10.73 10.04
CA GLY A 121 23.11 9.37 9.57
C GLY A 121 24.38 9.28 8.73
N ALA A 122 24.56 10.23 7.82
CA ALA A 122 25.74 10.24 6.97
C ALA A 122 27.01 10.31 7.82
N TRP A 123 27.02 11.21 8.80
CA TRP A 123 28.19 11.35 9.66
C TRP A 123 28.49 10.09 10.45
N ARG A 124 27.47 9.26 10.65
CA ARG A 124 27.64 8.04 11.42
C ARG A 124 28.25 6.90 10.61
N LYS A 125 27.86 6.82 9.33
CA LYS A 125 28.36 5.78 8.44
C LYS A 125 29.77 6.08 7.92
N ASN A 126 29.99 7.32 7.51
CA ASN A 126 31.29 7.71 7.00
C ASN A 126 31.94 8.78 7.89
N GLY A 127 31.54 10.03 7.71
CA GLY A 127 32.09 11.11 8.50
C GLY A 127 31.64 12.43 7.94
N ALA A 128 30.62 12.37 7.08
CA ALA A 128 30.07 13.56 6.45
C ALA A 128 29.82 14.64 7.48
N THR A 129 30.06 15.88 7.09
CA THR A 129 29.87 17.02 7.98
C THR A 129 29.05 18.05 7.25
N ARG A 130 29.00 17.91 5.93
CA ARG A 130 28.23 18.82 5.10
C ARG A 130 27.27 17.95 4.29
N VAL A 131 26.03 17.86 4.76
CA VAL A 131 25.03 17.04 4.10
C VAL A 131 23.99 17.83 3.34
N LEU A 132 23.53 17.23 2.25
CA LEU A 132 22.50 17.80 1.41
C LEU A 132 21.35 16.78 1.43
N ALA A 133 20.35 17.06 2.25
CA ALA A 133 19.20 16.17 2.40
C ALA A 133 18.14 16.44 1.34
N ALA A 134 17.72 15.38 0.66
CA ALA A 134 16.69 15.51 -0.37
C ALA A 134 15.72 14.33 -0.31
N ILE A 135 14.47 14.60 0.02
CA ILE A 135 13.45 13.56 0.11
C ILE A 135 12.41 13.75 -0.98
N ASP A 136 12.14 12.67 -1.70
CA ASP A 136 11.15 12.66 -2.76
C ASP A 136 9.78 12.98 -2.15
N ALA A 137 9.28 14.17 -2.42
CA ALA A 137 8.00 14.61 -1.85
C ALA A 137 6.77 14.34 -2.74
N ARG A 138 5.84 15.28 -2.70
CA ARG A 138 4.59 15.23 -3.45
C ARG A 138 4.80 15.20 -4.96
N MET A 139 4.36 16.26 -5.62
CA MET A 139 4.48 16.40 -7.08
C MET A 139 5.95 16.24 -7.50
N GLY A 140 6.48 17.25 -8.19
CA GLY A 140 7.86 17.22 -8.60
C GLY A 140 8.61 17.87 -7.45
N GLU A 141 7.83 18.31 -6.46
CA GLU A 141 8.35 18.95 -5.26
C GLU A 141 9.33 18.01 -4.53
N VAL A 142 10.12 18.57 -3.63
CA VAL A 142 11.08 17.79 -2.88
C VAL A 142 11.44 18.48 -1.57
N TYR A 143 11.59 17.69 -0.51
CA TYR A 143 11.96 18.24 0.79
C TYR A 143 13.46 18.37 0.77
N TRP A 144 13.94 19.59 0.98
CA TRP A 144 15.35 19.90 0.92
C TRP A 144 15.93 20.59 2.17
N ALA A 145 17.22 20.38 2.40
CA ALA A 145 17.88 20.99 3.55
C ALA A 145 19.40 20.92 3.43
N GLU A 146 20.05 21.98 3.87
CA GLU A 146 21.51 22.08 3.85
C GLU A 146 21.98 21.97 5.29
N TYR A 147 22.60 20.85 5.65
CA TYR A 147 23.07 20.67 7.01
C TYR A 147 24.59 20.51 7.14
N GLN A 148 25.17 21.32 8.02
CA GLN A 148 26.61 21.31 8.28
C GLN A 148 26.85 21.27 9.79
N ARG A 149 27.53 20.26 10.29
CA ARG A 149 27.77 20.24 11.73
C ARG A 149 29.08 20.92 12.12
N ASP A 150 29.04 21.65 13.23
CA ASP A 150 30.21 22.36 13.71
C ASP A 150 31.19 21.38 14.35
N GLU A 151 32.16 21.93 15.07
CA GLU A 151 33.17 21.12 15.72
C GLU A 151 32.62 20.36 16.92
N ASN A 152 31.61 20.93 17.56
CA ASN A 152 30.99 20.30 18.73
C ASN A 152 30.05 19.18 18.32
N GLY A 153 29.84 19.05 17.00
CA GLY A 153 28.97 18.00 16.49
C GLY A 153 27.51 18.40 16.46
N ILE A 154 27.26 19.70 16.37
CA ILE A 154 25.90 20.21 16.32
C ILE A 154 25.58 20.60 14.89
N TRP A 155 24.42 20.15 14.41
CA TRP A 155 23.99 20.45 13.05
C TRP A 155 23.43 21.85 12.87
N HIS A 156 23.94 22.56 11.88
CA HIS A 156 23.49 23.91 11.58
C HIS A 156 22.79 23.90 10.23
N GLY A 157 21.84 24.80 10.06
CA GLY A 157 21.11 24.87 8.80
C GLY A 157 19.65 24.49 8.88
N GLU A 158 19.12 24.39 10.10
CA GLU A 158 17.73 24.02 10.26
C GLU A 158 16.82 24.99 9.52
N GLU A 159 17.29 26.24 9.38
CA GLU A 159 16.51 27.26 8.68
C GLU A 159 16.45 27.00 7.17
N THR A 160 17.40 26.26 6.63
CA THR A 160 17.39 25.99 5.19
C THR A 160 16.28 25.01 4.78
N GLU A 161 15.65 24.36 5.76
CA GLU A 161 14.60 23.39 5.45
C GLU A 161 13.45 24.03 4.68
N ALA A 162 13.07 23.38 3.58
CA ALA A 162 11.98 23.86 2.76
C ALA A 162 11.56 22.84 1.71
N VAL A 163 10.37 23.04 1.16
CA VAL A 163 9.84 22.17 0.13
C VAL A 163 9.83 22.96 -1.18
N LEU A 164 10.48 22.43 -2.20
CA LEU A 164 10.55 23.13 -3.47
C LEU A 164 10.80 22.21 -4.66
N LYS A 165 10.71 22.76 -5.87
CA LYS A 165 10.91 21.99 -7.09
C LYS A 165 12.39 21.83 -7.43
N PRO A 166 12.75 20.72 -8.09
CA PRO A 166 14.14 20.45 -8.47
C PRO A 166 14.85 21.57 -9.22
N GLU A 167 14.08 22.52 -9.76
CA GLU A 167 14.69 23.64 -10.47
C GLU A 167 15.33 24.54 -9.44
N ILE A 168 14.57 24.88 -8.41
CA ILE A 168 15.06 25.74 -7.33
C ILE A 168 16.18 25.02 -6.57
N VAL A 169 16.12 23.68 -6.56
CA VAL A 169 17.14 22.89 -5.90
C VAL A 169 18.43 23.16 -6.66
N HIS A 170 18.32 23.18 -7.99
CA HIS A 170 19.46 23.43 -8.87
C HIS A 170 20.00 24.85 -8.64
N GLU A 171 19.09 25.79 -8.39
CA GLU A 171 19.50 27.17 -8.14
C GLU A 171 20.22 27.28 -6.80
N ARG A 172 19.54 26.91 -5.72
CA ARG A 172 20.13 26.96 -4.38
C ARG A 172 21.53 26.37 -4.36
N MET A 173 21.66 25.17 -4.91
CA MET A 173 22.94 24.46 -4.95
C MET A 173 24.10 25.25 -5.57
N GLN A 174 23.81 26.02 -6.62
CA GLN A 174 24.86 26.79 -7.27
C GLN A 174 25.20 28.06 -6.51
N GLN A 175 24.87 28.07 -5.22
CA GLN A 175 25.15 29.20 -4.36
C GLN A 175 25.90 28.70 -3.14
N LEU A 176 26.35 27.45 -3.22
CA LEU A 176 27.09 26.82 -2.12
C LEU A 176 28.55 26.67 -2.51
N SER A 177 29.29 25.79 -1.82
CA SER A 177 30.71 25.62 -2.12
C SER A 177 31.25 24.28 -1.66
N GLY A 178 32.53 24.06 -1.90
CA GLY A 178 33.18 22.82 -1.49
C GLY A 178 32.39 21.57 -1.82
N GLU A 179 32.68 20.48 -1.11
CA GLU A 179 31.98 19.23 -1.35
C GLU A 179 30.97 18.85 -0.26
N TRP A 180 29.83 18.32 -0.72
CA TRP A 180 28.75 17.88 0.14
C TRP A 180 28.44 16.42 -0.16
N VAL A 181 27.80 15.75 0.79
CA VAL A 181 27.39 14.36 0.60
C VAL A 181 25.87 14.43 0.48
N THR A 182 25.28 13.53 -0.31
CA THR A 182 23.85 13.54 -0.50
C THR A 182 23.12 12.36 0.17
N VAL A 183 21.96 12.67 0.76
CA VAL A 183 21.14 11.67 1.44
C VAL A 183 19.68 11.90 1.08
N GLY A 184 18.87 10.85 1.23
CA GLY A 184 17.44 10.95 0.93
C GLY A 184 17.03 10.33 -0.40
N THR A 185 15.74 10.01 -0.50
CA THR A 185 15.19 9.41 -1.71
C THR A 185 15.22 10.36 -2.91
N GLY A 186 15.23 11.67 -2.63
CA GLY A 186 15.24 12.66 -3.69
C GLY A 186 16.28 12.42 -4.78
N TRP A 187 17.53 12.22 -4.38
CA TRP A 187 18.62 11.99 -5.32
C TRP A 187 18.42 10.75 -6.19
N GLN A 188 17.95 9.67 -5.59
CA GLN A 188 17.75 8.43 -6.33
C GLN A 188 16.58 8.57 -7.32
N ALA A 189 15.60 9.39 -6.95
CA ALA A 189 14.44 9.63 -7.81
C ALA A 189 14.87 10.47 -9.00
N TRP A 190 15.76 11.43 -8.74
CA TRP A 190 16.28 12.30 -9.78
C TRP A 190 17.79 12.34 -9.69
N PRO A 191 18.46 11.34 -10.29
CA PRO A 191 19.93 11.29 -10.27
C PRO A 191 20.45 12.44 -11.12
N ASP A 192 19.50 13.15 -11.71
CA ASP A 192 19.77 14.29 -12.57
C ASP A 192 19.76 15.58 -11.77
N LEU A 193 19.45 15.46 -10.48
CA LEU A 193 19.38 16.62 -9.57
C LEU A 193 20.76 17.25 -9.33
N GLY A 194 21.78 16.40 -9.27
CA GLY A 194 23.14 16.88 -9.05
C GLY A 194 23.77 17.48 -10.30
N LYS A 195 23.41 16.94 -11.47
CA LYS A 195 23.93 17.43 -12.75
C LYS A 195 24.03 18.95 -12.81
N GLU A 196 25.23 19.44 -13.08
CA GLU A 196 25.48 20.88 -13.19
C GLU A 196 25.26 21.66 -11.89
N SER A 197 25.15 20.95 -10.77
CA SER A 197 24.93 21.59 -9.49
C SER A 197 26.05 22.60 -9.20
N GLY A 198 27.14 22.50 -9.95
CA GLY A 198 28.25 23.39 -9.74
C GLY A 198 28.80 23.17 -8.35
N LEU A 199 28.93 21.90 -7.97
CA LEU A 199 29.44 21.52 -6.65
C LEU A 199 29.94 20.09 -6.67
N VAL A 200 30.86 19.78 -5.76
CA VAL A 200 31.37 18.43 -5.63
C VAL A 200 30.31 17.68 -4.82
N LEU A 201 29.80 16.57 -5.34
CA LEU A 201 28.75 15.81 -4.64
C LEU A 201 29.11 14.33 -4.53
N ARG A 202 28.83 13.75 -3.38
CA ARG A 202 29.08 12.33 -3.18
C ARG A 202 27.79 11.64 -2.75
N ASP A 203 27.90 10.40 -2.27
CA ASP A 203 26.73 9.65 -1.84
C ASP A 203 26.86 9.42 -0.34
N GLY A 204 25.94 10.01 0.43
CA GLY A 204 25.97 9.87 1.87
C GLY A 204 25.62 8.49 2.39
N GLU A 205 25.17 7.61 1.50
CA GLU A 205 24.80 6.25 1.88
C GLU A 205 23.62 6.20 2.85
N VAL A 206 22.71 7.18 2.73
CA VAL A 206 21.53 7.22 3.57
C VAL A 206 20.28 7.56 2.75
N LEU A 207 19.45 6.55 2.52
CA LEU A 207 18.22 6.71 1.74
C LEU A 207 17.07 7.20 2.62
N LEU A 208 16.92 6.56 3.78
CA LEU A 208 15.84 6.89 4.71
C LEU A 208 16.42 7.21 6.10
N PRO A 209 15.65 7.92 6.94
CA PRO A 209 16.13 8.27 8.29
C PRO A 209 15.95 7.09 9.25
N ALA A 210 16.76 7.04 10.30
CA ALA A 210 16.67 5.96 11.29
C ALA A 210 16.59 6.56 12.71
N ALA A 211 15.74 5.97 13.55
CA ALA A 211 15.57 6.44 14.91
C ALA A 211 16.91 6.52 15.64
N GLU A 212 17.77 5.55 15.39
CA GLU A 212 19.08 5.51 16.00
C GLU A 212 19.80 6.84 15.86
N ASP A 213 19.60 7.54 14.75
CA ASP A 213 20.26 8.82 14.53
C ASP A 213 19.53 9.99 15.15
N MET A 214 18.34 9.74 15.68
CA MET A 214 17.58 10.79 16.33
C MET A 214 18.17 10.99 17.72
N LEU A 215 18.67 9.90 18.30
CA LEU A 215 19.24 9.91 19.64
C LEU A 215 20.26 11.01 19.93
N PRO A 216 21.33 11.10 19.12
CA PRO A 216 22.31 12.16 19.39
C PRO A 216 21.67 13.56 19.37
N ILE A 217 20.80 13.79 18.40
CA ILE A 217 20.14 15.08 18.27
C ILE A 217 19.22 15.31 19.46
N ALA A 218 18.40 14.31 19.77
CA ALA A 218 17.47 14.38 20.90
C ALA A 218 18.23 14.69 22.19
N CYS A 219 19.29 13.92 22.44
CA CYS A 219 20.10 14.13 23.63
C CYS A 219 20.47 15.59 23.75
N GLN A 220 20.98 16.16 22.67
CA GLN A 220 21.40 17.55 22.63
C GLN A 220 20.25 18.52 22.86
N MET A 221 19.08 18.23 22.27
CA MET A 221 17.94 19.11 22.44
C MET A 221 17.39 19.01 23.86
N PHE A 222 17.53 17.84 24.46
CA PHE A 222 17.07 17.63 25.82
C PHE A 222 17.96 18.43 26.77
N ALA A 223 19.24 18.53 26.44
CA ALA A 223 20.19 19.28 27.25
C ALA A 223 19.93 20.78 27.14
N GLU A 224 19.46 21.21 25.97
CA GLU A 224 19.19 22.62 25.73
C GLU A 224 17.79 23.09 26.10
N GLY A 225 16.91 22.15 26.47
CA GLY A 225 15.54 22.54 26.82
C GLY A 225 14.62 22.68 25.62
N LYS A 226 15.03 22.16 24.46
CA LYS A 226 14.20 22.23 23.26
C LYS A 226 13.23 21.06 23.27
N THR A 227 12.31 21.09 24.24
CA THR A 227 11.33 20.02 24.41
C THR A 227 9.91 20.57 24.34
N VAL A 228 8.93 19.69 24.17
CA VAL A 228 7.53 20.12 24.13
C VAL A 228 6.60 19.23 24.94
N ALA A 229 5.56 19.84 25.50
CA ALA A 229 4.57 19.12 26.27
C ALA A 229 3.88 18.18 25.28
N VAL A 230 3.49 16.99 25.75
CA VAL A 230 2.83 16.02 24.89
C VAL A 230 1.68 16.62 24.08
N GLU A 231 0.93 17.54 24.69
CA GLU A 231 -0.20 18.17 24.03
C GLU A 231 0.15 19.03 22.80
N HIS A 232 1.40 19.46 22.68
CA HIS A 232 1.79 20.28 21.53
C HIS A 232 2.77 19.58 20.58
N ALA A 233 2.91 18.26 20.71
CA ALA A 233 3.81 17.52 19.82
C ALA A 233 3.14 17.43 18.45
N GLU A 234 3.84 17.84 17.39
CA GLU A 234 3.22 17.78 16.07
C GLU A 234 4.17 17.79 14.88
N PRO A 235 3.66 17.44 13.69
CA PRO A 235 4.50 17.42 12.49
C PRO A 235 4.97 18.84 12.22
N VAL A 236 6.04 18.97 11.43
CA VAL A 236 6.56 20.27 11.05
C VAL A 236 5.74 20.69 9.82
N TYR A 237 5.63 21.99 9.59
CA TYR A 237 4.88 22.47 8.44
C TYR A 237 5.74 23.32 7.52
N LEU A 238 6.26 22.68 6.47
CA LEU A 238 7.12 23.35 5.48
C LEU A 238 6.29 24.15 4.46
N ARG A 239 5.21 23.67 4.08
N LYS B 17 -9.13 4.05 44.09
CA LYS B 17 -9.22 3.17 45.29
C LYS B 17 -10.45 2.25 45.27
N LYS B 18 -11.65 2.84 45.16
CA LYS B 18 -12.86 2.02 45.12
C LYS B 18 -12.96 1.30 43.76
N ALA B 19 -12.82 -0.01 43.80
CA ALA B 19 -12.88 -0.84 42.60
C ALA B 19 -14.21 -0.75 41.85
N GLY B 20 -14.14 -1.00 40.54
CA GLY B 20 -15.32 -0.95 39.70
C GLY B 20 -14.85 -0.92 38.25
N LEU B 21 -15.71 -1.30 37.31
CA LEU B 21 -15.31 -1.30 35.90
C LEU B 21 -14.81 0.09 35.48
N ARG B 22 -13.60 0.12 34.93
CA ARG B 22 -12.99 1.36 34.44
C ARG B 22 -12.57 1.19 32.98
N ILE B 23 -13.15 1.95 32.08
CA ILE B 23 -12.79 1.85 30.68
C ILE B 23 -12.57 3.21 30.02
N LEU B 24 -11.39 3.38 29.45
CA LEU B 24 -11.03 4.62 28.78
C LEU B 24 -11.19 4.45 27.25
N ALA B 25 -11.96 5.33 26.64
CA ALA B 25 -12.15 5.28 25.19
C ALA B 25 -11.70 6.57 24.52
N ILE B 26 -11.03 6.44 23.38
CA ILE B 26 -10.65 7.64 22.62
C ILE B 26 -10.99 7.37 21.17
N ASP B 27 -11.13 8.43 20.39
CA ASP B 27 -11.45 8.25 18.98
C ASP B 27 -11.11 9.44 18.13
N THR B 28 -10.55 9.14 16.96
CA THR B 28 -10.17 10.15 15.98
C THR B 28 -10.45 9.62 14.57
N ALA B 29 -11.35 8.64 14.46
CA ALA B 29 -11.67 8.04 13.17
C ALA B 29 -12.19 9.02 12.11
N THR B 30 -12.92 10.04 12.55
CA THR B 30 -13.48 11.05 11.65
C THR B 30 -12.92 12.41 12.01
N GLU B 31 -13.57 13.48 11.53
CA GLU B 31 -13.10 14.82 11.86
C GLU B 31 -13.19 15.02 13.37
N ALA B 32 -14.06 14.27 14.03
CA ALA B 32 -14.21 14.42 15.47
C ALA B 32 -13.12 13.70 16.25
N CYS B 33 -12.77 14.28 17.39
CA CYS B 33 -11.78 13.73 18.31
C CYS B 33 -12.45 13.82 19.67
N SER B 34 -12.65 12.66 20.28
CA SER B 34 -13.32 12.61 21.56
C SER B 34 -12.67 11.60 22.47
N VAL B 35 -12.96 11.74 23.75
CA VAL B 35 -12.42 10.87 24.77
C VAL B 35 -13.51 10.67 25.79
N ALA B 36 -13.53 9.51 26.44
CA ALA B 36 -14.54 9.25 27.43
C ALA B 36 -14.05 8.19 28.37
N LEU B 37 -14.40 8.33 29.64
CA LEU B 37 -14.00 7.35 30.63
C LEU B 37 -15.23 6.85 31.34
N TRP B 38 -15.30 5.54 31.53
CA TRP B 38 -16.38 4.93 32.28
C TRP B 38 -15.70 4.63 33.60
N ASN B 39 -16.08 5.36 34.63
CA ASN B 39 -15.47 5.17 35.94
C ASN B 39 -16.52 5.05 37.03
N ASP B 40 -16.64 3.84 37.55
CA ASP B 40 -17.60 3.52 38.60
C ASP B 40 -19.00 4.09 38.37
N GLY B 41 -19.68 3.52 37.37
CA GLY B 41 -21.03 3.91 37.04
C GLY B 41 -21.27 5.19 36.29
N THR B 42 -20.29 6.08 36.25
CA THR B 42 -20.49 7.35 35.56
C THR B 42 -19.65 7.52 34.31
N VAL B 43 -20.08 8.46 33.48
CA VAL B 43 -19.42 8.78 32.24
C VAL B 43 -18.85 10.19 32.29
N ASN B 44 -17.56 10.31 31.99
CA ASN B 44 -16.89 11.58 31.95
C ASN B 44 -16.32 11.67 30.54
N ALA B 45 -16.83 12.60 29.74
CA ALA B 45 -16.37 12.71 28.36
C ALA B 45 -16.21 14.13 27.83
N HIS B 46 -15.42 14.23 26.77
CA HIS B 46 -15.18 15.49 26.10
C HIS B 46 -15.34 15.14 24.65
N PHE B 47 -15.81 16.11 23.87
CA PHE B 47 -16.01 15.93 22.45
C PHE B 47 -15.62 17.22 21.78
N GLU B 48 -14.78 17.12 20.77
CA GLU B 48 -14.31 18.28 20.01
C GLU B 48 -14.12 17.87 18.57
N LEU B 49 -13.80 18.85 17.73
CA LEU B 49 -13.53 18.60 16.33
C LEU B 49 -12.02 18.79 16.14
N CYS B 50 -11.41 17.95 15.33
CA CYS B 50 -9.99 18.06 15.06
C CYS B 50 -9.77 18.04 13.55
N PRO B 51 -10.07 19.18 12.89
CA PRO B 51 -9.90 19.25 11.44
C PRO B 51 -8.48 19.00 10.95
N ARG B 52 -8.38 18.34 9.80
CA ARG B 52 -7.10 18.06 9.17
C ARG B 52 -6.15 17.22 10.03
N GLU B 53 -6.72 16.28 10.76
CA GLU B 53 -5.96 15.38 11.61
C GLU B 53 -5.13 16.01 12.72
N HIS B 54 -5.46 17.23 13.14
CA HIS B 54 -4.73 17.87 14.24
C HIS B 54 -5.34 17.29 15.52
N THR B 55 -4.97 16.04 15.80
CA THR B 55 -5.48 15.29 16.94
C THR B 55 -4.76 15.42 18.28
N GLN B 56 -3.83 16.34 18.41
CA GLN B 56 -3.09 16.47 19.66
C GLN B 56 -4.03 16.68 20.85
N ARG B 57 -5.15 17.34 20.60
CA ARG B 57 -6.12 17.60 21.67
C ARG B 57 -6.62 16.35 22.37
N ILE B 58 -6.39 15.18 21.77
CA ILE B 58 -6.83 13.93 22.43
C ILE B 58 -6.08 13.77 23.76
N LEU B 59 -4.79 14.07 23.77
CA LEU B 59 -3.99 13.90 24.99
C LEU B 59 -4.44 14.79 26.17
N PRO B 60 -4.61 16.11 25.99
CA PRO B 60 -5.03 16.89 27.15
C PRO B 60 -6.43 16.43 27.62
N MET B 61 -7.30 16.10 26.67
CA MET B 61 -8.64 15.62 27.00
C MET B 61 -8.54 14.37 27.87
N VAL B 62 -7.64 13.46 27.51
CA VAL B 62 -7.43 12.26 28.31
C VAL B 62 -6.91 12.63 29.71
N GLN B 63 -5.90 13.48 29.74
CA GLN B 63 -5.29 13.91 31.00
C GLN B 63 -6.33 14.54 31.94
N ASP B 64 -7.05 15.53 31.43
CA ASP B 64 -8.08 16.21 32.21
C ASP B 64 -9.09 15.24 32.81
N ILE B 65 -9.60 14.32 31.99
CA ILE B 65 -10.56 13.35 32.47
C ILE B 65 -9.95 12.44 33.53
N LEU B 66 -8.71 12.01 33.33
CA LEU B 66 -8.05 11.15 34.30
C LEU B 66 -7.91 11.91 35.63
N THR B 67 -7.40 13.13 35.54
CA THR B 67 -7.19 13.97 36.72
C THR B 67 -8.49 14.27 37.50
N THR B 68 -9.54 14.62 36.77
CA THR B 68 -10.83 14.94 37.36
C THR B 68 -11.47 13.77 38.10
N SER B 69 -11.28 12.57 37.58
CA SER B 69 -11.87 11.37 38.18
C SER B 69 -10.94 10.71 39.20
N GLY B 70 -9.72 11.22 39.34
CA GLY B 70 -8.80 10.60 40.28
C GLY B 70 -8.37 9.25 39.75
N THR B 71 -8.44 9.10 38.43
CA THR B 71 -8.09 7.85 37.78
C THR B 71 -6.67 7.85 37.22
N SER B 72 -5.98 6.73 37.39
CA SER B 72 -4.64 6.58 36.86
C SER B 72 -4.73 5.56 35.72
N LEU B 73 -3.88 5.71 34.71
CA LEU B 73 -3.88 4.79 33.58
C LEU B 73 -3.75 3.34 34.07
N THR B 74 -3.05 3.16 35.19
CA THR B 74 -2.83 1.84 35.78
C THR B 74 -4.09 1.29 36.45
N ASP B 75 -5.10 2.14 36.66
CA ASP B 75 -6.35 1.70 37.26
C ASP B 75 -7.32 1.19 36.19
N ILE B 76 -7.05 1.51 34.93
CA ILE B 76 -7.93 1.13 33.82
C ILE B 76 -8.04 -0.38 33.52
N ASN B 77 -9.26 -0.85 33.28
CA ASN B 77 -9.48 -2.26 32.95
C ASN B 77 -9.27 -2.50 31.44
N ALA B 78 -9.64 -1.53 30.62
CA ALA B 78 -9.46 -1.68 29.18
C ALA B 78 -9.47 -0.35 28.43
N LEU B 79 -8.75 -0.31 27.32
CA LEU B 79 -8.70 0.90 26.51
C LEU B 79 -9.44 0.63 25.21
N ALA B 80 -10.59 1.29 25.04
CA ALA B 80 -11.39 1.11 23.82
C ALA B 80 -10.91 2.08 22.75
N TYR B 81 -10.69 1.57 21.54
CA TYR B 81 -10.22 2.37 20.43
C TYR B 81 -11.11 2.27 19.19
N GLY B 82 -11.03 3.28 18.32
CA GLY B 82 -11.82 3.31 17.10
C GLY B 82 -11.17 2.43 16.05
N ARG B 83 -11.88 1.39 15.64
CA ARG B 83 -11.34 0.48 14.65
C ARG B 83 -11.69 0.95 13.24
N GLY B 84 -12.56 1.95 13.15
CA GLY B 84 -12.98 2.44 11.85
C GLY B 84 -14.31 1.77 11.49
N PRO B 85 -14.75 1.83 10.23
CA PRO B 85 -14.07 2.50 9.10
C PRO B 85 -14.18 4.02 9.26
N GLY B 86 -13.36 4.73 8.50
CA GLY B 86 -13.38 6.18 8.55
C GLY B 86 -12.18 6.67 7.77
N SER B 87 -11.65 7.83 8.16
CA SER B 87 -10.48 8.38 7.49
C SER B 87 -9.34 7.39 7.60
N PHE B 88 -8.62 7.20 6.50
CA PHE B 88 -7.50 6.28 6.47
C PHE B 88 -6.48 6.69 7.54
N THR B 89 -6.14 7.96 7.60
CA THR B 89 -5.17 8.46 8.56
C THR B 89 -5.71 8.54 9.99
N GLY B 90 -6.90 9.10 10.12
CA GLY B 90 -7.55 9.26 11.41
C GLY B 90 -7.65 7.98 12.23
N VAL B 91 -8.15 6.91 11.61
CA VAL B 91 -8.31 5.65 12.32
C VAL B 91 -6.96 5.16 12.84
N ARG B 92 -5.90 5.31 12.04
CA ARG B 92 -4.58 4.85 12.44
C ARG B 92 -3.92 5.72 13.51
N ILE B 93 -4.18 7.03 13.48
CA ILE B 93 -3.63 7.91 14.50
C ILE B 93 -4.25 7.50 15.83
N GLY B 94 -5.57 7.37 15.82
CA GLY B 94 -6.27 6.97 17.03
C GLY B 94 -5.73 5.68 17.60
N ILE B 95 -5.57 4.67 16.76
CA ILE B 95 -5.04 3.39 17.23
C ILE B 95 -3.64 3.59 17.80
N GLY B 96 -2.83 4.40 17.13
CA GLY B 96 -1.49 4.67 17.60
C GLY B 96 -1.47 5.25 19.01
N ILE B 97 -2.27 6.29 19.20
CA ILE B 97 -2.36 6.94 20.51
C ILE B 97 -2.85 5.93 21.54
N ALA B 98 -3.90 5.20 21.22
CA ALA B 98 -4.43 4.21 22.16
C ALA B 98 -3.35 3.20 22.54
N GLN B 99 -2.60 2.74 21.55
CA GLN B 99 -1.52 1.79 21.79
C GLN B 99 -0.49 2.39 22.74
N GLY B 100 -0.08 3.63 22.46
CA GLY B 100 0.89 4.29 23.32
C GLY B 100 0.41 4.35 24.76
N LEU B 101 -0.85 4.72 24.95
CA LEU B 101 -1.44 4.81 26.29
C LEU B 101 -1.59 3.46 26.97
N ALA B 102 -1.69 2.39 26.21
CA ALA B 102 -1.88 1.07 26.79
C ALA B 102 -0.63 0.29 27.14
N LEU B 103 0.49 0.57 26.45
CA LEU B 103 1.71 -0.20 26.70
C LEU B 103 2.27 -0.21 28.12
N GLY B 104 2.63 0.97 28.62
CA GLY B 104 3.20 1.07 29.96
C GLY B 104 2.35 0.41 31.02
N ALA B 105 1.03 0.59 30.93
CA ALA B 105 0.13 0.01 31.90
C ALA B 105 -0.36 -1.38 31.49
N GLU B 106 0.12 -1.86 30.34
CA GLU B 106 -0.27 -3.18 29.85
C GLU B 106 -1.80 -3.33 29.81
N LEU B 107 -2.45 -2.30 29.29
CA LEU B 107 -3.91 -2.27 29.16
C LEU B 107 -4.45 -3.08 27.99
N PRO B 108 -5.47 -3.91 28.24
CA PRO B 108 -6.07 -4.70 27.17
C PRO B 108 -6.78 -3.70 26.27
N MET B 109 -6.94 -4.01 24.99
CA MET B 109 -7.61 -3.08 24.11
C MET B 109 -8.89 -3.64 23.52
N ILE B 110 -9.84 -2.76 23.22
CA ILE B 110 -11.12 -3.18 22.68
C ILE B 110 -11.48 -2.37 21.46
N GLY B 111 -11.50 -3.03 20.31
CA GLY B 111 -11.82 -2.33 19.08
C GLY B 111 -13.31 -2.13 18.91
N VAL B 112 -13.72 -0.88 18.75
CA VAL B 112 -15.15 -0.57 18.59
C VAL B 112 -15.42 0.01 17.21
N SER B 113 -16.48 -0.51 16.59
CA SER B 113 -16.89 -0.05 15.27
C SER B 113 -17.36 1.40 15.28
N THR B 114 -16.81 2.19 14.36
CA THR B 114 -17.18 3.60 14.23
C THR B 114 -18.64 3.72 13.85
N LEU B 115 -19.11 2.83 12.99
CA LEU B 115 -20.49 2.84 12.54
C LEU B 115 -21.42 2.44 13.68
N MET B 116 -21.01 1.44 14.46
CA MET B 116 -21.82 0.98 15.59
C MET B 116 -21.86 2.09 16.63
N THR B 117 -20.76 2.80 16.76
CA THR B 117 -20.67 3.86 17.74
C THR B 117 -21.73 4.90 17.46
N MET B 118 -21.91 5.27 16.19
CA MET B 118 -22.93 6.26 15.88
C MET B 118 -24.32 5.73 16.12
N ALA B 119 -24.52 4.44 15.93
CA ALA B 119 -25.83 3.85 16.17
C ALA B 119 -26.12 3.99 17.65
N GLN B 120 -25.11 3.75 18.48
CA GLN B 120 -25.29 3.86 19.93
C GLN B 120 -25.63 5.31 20.28
N GLY B 121 -24.99 6.26 19.59
CA GLY B 121 -25.27 7.65 19.83
C GLY B 121 -26.73 7.98 19.53
N ALA B 122 -27.26 7.40 18.46
CA ALA B 122 -28.65 7.66 18.05
C ALA B 122 -29.61 7.14 19.11
N TRP B 123 -29.28 6.00 19.69
CA TRP B 123 -30.12 5.42 20.72
C TRP B 123 -30.06 6.34 21.93
N ARG B 124 -28.88 6.84 22.23
CA ARG B 124 -28.68 7.73 23.37
C ARG B 124 -29.51 8.99 23.22
N LYS B 125 -29.51 9.57 22.02
CA LYS B 125 -30.23 10.82 21.80
C LYS B 125 -31.73 10.73 21.53
N ASN B 126 -32.18 9.65 20.92
CA ASN B 126 -33.60 9.53 20.63
C ASN B 126 -34.14 8.12 20.75
N GLY B 127 -33.39 7.28 21.46
CA GLY B 127 -33.80 5.90 21.65
C GLY B 127 -34.02 5.12 20.37
N ALA B 128 -33.24 5.39 19.32
CA ALA B 128 -33.40 4.66 18.06
C ALA B 128 -32.92 3.22 18.24
N THR B 129 -33.61 2.27 17.61
CA THR B 129 -33.23 0.85 17.72
C THR B 129 -32.85 0.22 16.38
N ARG B 130 -33.11 0.96 15.30
CA ARG B 130 -32.81 0.51 13.94
C ARG B 130 -32.13 1.70 13.30
N VAL B 131 -30.85 1.53 13.01
CA VAL B 131 -30.04 2.60 12.47
C VAL B 131 -29.33 2.33 11.15
N LEU B 132 -29.45 3.28 10.24
CA LEU B 132 -28.78 3.19 8.95
C LEU B 132 -27.59 4.15 9.02
N ALA B 133 -26.42 3.57 9.23
CA ALA B 133 -25.17 4.32 9.35
C ALA B 133 -24.43 4.44 8.03
N ALA B 134 -24.15 5.67 7.63
CA ALA B 134 -23.44 5.91 6.38
C ALA B 134 -22.39 7.01 6.54
N ILE B 135 -21.14 6.68 6.24
CA ILE B 135 -20.03 7.61 6.34
C ILE B 135 -19.49 7.94 4.95
N ASP B 136 -19.37 9.24 4.65
CA ASP B 136 -18.84 9.68 3.37
C ASP B 136 -17.39 9.18 3.36
N ALA B 137 -17.15 8.11 2.61
CA ALA B 137 -15.82 7.50 2.53
C ALA B 137 -14.96 8.22 1.51
N ARG B 138 -15.59 9.17 0.81
CA ARG B 138 -14.93 9.95 -0.21
C ARG B 138 -14.48 9.12 -1.41
N MET B 139 -14.27 9.82 -2.52
CA MET B 139 -13.87 9.20 -3.77
C MET B 139 -15.04 8.40 -4.31
N GLY B 140 -16.23 8.98 -4.16
CA GLY B 140 -17.45 8.36 -4.66
C GLY B 140 -18.11 7.29 -3.82
N GLU B 141 -17.55 6.93 -2.67
CA GLU B 141 -18.16 5.89 -1.88
C GLU B 141 -18.62 6.24 -0.48
N VAL B 142 -19.17 5.24 0.21
CA VAL B 142 -19.67 5.40 1.56
C VAL B 142 -19.53 4.12 2.36
N TYR B 143 -19.25 4.27 3.65
CA TYR B 143 -19.14 3.14 4.57
C TYR B 143 -20.55 2.97 5.06
N TRP B 144 -21.07 1.76 4.88
CA TRP B 144 -22.44 1.47 5.23
C TRP B 144 -22.61 0.40 6.28
N ALA B 145 -23.72 0.48 7.02
CA ALA B 145 -24.04 -0.50 8.04
C ALA B 145 -25.51 -0.40 8.42
N GLU B 146 -26.09 -1.53 8.76
CA GLU B 146 -27.48 -1.62 9.17
C GLU B 146 -27.44 -2.23 10.56
N TYR B 147 -27.67 -1.40 11.57
CA TYR B 147 -27.63 -1.85 12.95
C TYR B 147 -29.00 -1.82 13.63
N GLN B 148 -29.33 -2.91 14.30
CA GLN B 148 -30.60 -3.03 15.03
C GLN B 148 -30.31 -3.42 16.47
N ARG B 149 -30.80 -2.63 17.41
CA ARG B 149 -30.57 -2.91 18.82
C ARG B 149 -31.61 -3.90 19.33
N ASP B 150 -31.17 -5.03 19.84
CA ASP B 150 -32.13 -6.00 20.37
C ASP B 150 -32.57 -5.55 21.75
N GLU B 151 -33.41 -6.36 22.40
CA GLU B 151 -33.94 -6.04 23.72
C GLU B 151 -32.89 -5.91 24.81
N ASN B 152 -31.77 -6.61 24.67
CA ASN B 152 -30.70 -6.57 25.67
C ASN B 152 -29.72 -5.43 25.44
N GLY B 153 -30.04 -4.55 24.50
CA GLY B 153 -29.18 -3.43 24.20
C GLY B 153 -28.00 -3.81 23.34
N ILE B 154 -28.06 -5.00 22.74
CA ILE B 154 -26.97 -5.47 21.89
C ILE B 154 -27.22 -5.09 20.45
N TRP B 155 -26.21 -4.51 19.82
CA TRP B 155 -26.30 -4.08 18.43
C TRP B 155 -26.00 -5.19 17.42
N HIS B 156 -26.97 -5.47 16.56
CA HIS B 156 -26.80 -6.49 15.53
C HIS B 156 -26.68 -5.83 14.15
N GLY B 157 -25.91 -6.47 13.28
CA GLY B 157 -25.74 -5.94 11.94
C GLY B 157 -24.29 -5.64 11.57
N GLU B 158 -23.36 -6.05 12.42
CA GLU B 158 -21.95 -5.81 12.13
C GLU B 158 -21.52 -6.47 10.83
N GLU B 159 -22.12 -7.63 10.55
CA GLU B 159 -21.78 -8.34 9.33
C GLU B 159 -22.25 -7.59 8.09
N THR B 160 -23.03 -6.52 8.27
CA THR B 160 -23.51 -5.74 7.12
C THR B 160 -22.57 -4.60 6.77
N GLU B 161 -21.56 -4.38 7.58
CA GLU B 161 -20.61 -3.29 7.31
C GLU B 161 -19.92 -3.52 5.96
N ALA B 162 -19.92 -2.49 5.14
CA ALA B 162 -19.33 -2.58 3.82
C ALA B 162 -19.05 -1.20 3.25
N VAL B 163 -18.28 -1.19 2.18
CA VAL B 163 -17.94 0.04 1.50
C VAL B 163 -18.64 -0.11 0.16
N LEU B 164 -19.47 0.85 -0.18
CA LEU B 164 -20.19 0.76 -1.44
C LEU B 164 -20.62 2.07 -2.06
N LYS B 165 -20.98 2.00 -3.34
CA LYS B 165 -21.42 3.17 -4.07
C LYS B 165 -22.86 3.51 -3.68
N PRO B 166 -23.23 4.79 -3.79
CA PRO B 166 -24.59 5.26 -3.46
C PRO B 166 -25.68 4.45 -4.15
N GLU B 167 -25.52 4.22 -5.44
CA GLU B 167 -26.51 3.45 -6.19
C GLU B 167 -26.74 2.08 -5.54
N ILE B 168 -25.66 1.45 -5.07
CA ILE B 168 -25.77 0.15 -4.42
C ILE B 168 -26.46 0.30 -3.05
N VAL B 169 -26.27 1.46 -2.42
CA VAL B 169 -26.91 1.73 -1.14
C VAL B 169 -28.41 1.83 -1.42
N HIS B 170 -28.76 2.53 -2.49
CA HIS B 170 -30.15 2.69 -2.88
C HIS B 170 -30.80 1.31 -3.06
N GLU B 171 -30.17 0.46 -3.88
CA GLU B 171 -30.68 -0.89 -4.13
C GLU B 171 -30.92 -1.68 -2.85
N ARG B 172 -29.96 -1.61 -1.93
CA ARG B 172 -30.05 -2.34 -0.66
C ARG B 172 -31.14 -1.83 0.27
N MET B 173 -31.40 -0.53 0.25
CA MET B 173 -32.44 0.01 1.12
C MET B 173 -33.80 -0.49 0.67
N GLN B 174 -33.94 -0.73 -0.64
CA GLN B 174 -35.19 -1.21 -1.19
C GLN B 174 -35.48 -2.64 -0.72
N GLN B 175 -34.44 -3.31 -0.21
CA GLN B 175 -34.59 -4.67 0.28
C GLN B 175 -34.89 -4.63 1.77
N LEU B 176 -34.80 -3.43 2.34
CA LEU B 176 -35.05 -3.24 3.76
C LEU B 176 -36.52 -2.92 4.02
N SER B 177 -36.90 -2.88 5.28
CA SER B 177 -38.28 -2.59 5.64
C SER B 177 -38.44 -1.89 6.99
N GLY B 178 -39.56 -1.21 7.16
CA GLY B 178 -39.84 -0.52 8.40
C GLY B 178 -39.35 0.91 8.47
N GLU B 179 -39.11 1.38 9.70
CA GLU B 179 -38.65 2.74 9.93
C GLU B 179 -37.21 2.71 10.42
N TRP B 180 -36.41 3.66 9.95
CA TRP B 180 -35.01 3.74 10.36
C TRP B 180 -34.62 5.18 10.60
N VAL B 181 -33.50 5.36 11.29
CA VAL B 181 -32.96 6.68 11.54
C VAL B 181 -31.63 6.70 10.78
N THR B 182 -31.25 7.85 10.28
CA THR B 182 -30.01 7.96 9.54
C THR B 182 -28.93 8.65 10.37
N VAL B 183 -27.70 8.16 10.29
CA VAL B 183 -26.58 8.81 10.99
C VAL B 183 -25.38 8.78 10.08
N GLY B 184 -24.47 9.73 10.30
CA GLY B 184 -23.26 9.79 9.51
C GLY B 184 -23.24 10.83 8.43
N THR B 185 -22.04 11.17 8.01
CA THR B 185 -21.81 12.16 6.96
C THR B 185 -22.20 11.64 5.58
N GLY B 186 -22.40 10.33 5.47
CA GLY B 186 -22.78 9.75 4.20
C GLY B 186 -24.01 10.42 3.61
N TRP B 187 -25.05 10.57 4.42
CA TRP B 187 -26.29 11.18 3.96
C TRP B 187 -26.14 12.61 3.41
N GLN B 188 -25.32 13.43 4.06
CA GLN B 188 -25.14 14.79 3.56
C GLN B 188 -24.31 14.80 2.26
N ALA B 189 -23.41 13.84 2.11
CA ALA B 189 -22.59 13.76 0.90
C ALA B 189 -23.45 13.35 -0.29
N TRP B 190 -24.57 12.68 -0.01
CA TRP B 190 -25.48 12.22 -1.06
C TRP B 190 -26.92 12.44 -0.61
N PRO B 191 -27.42 13.68 -0.75
CA PRO B 191 -28.77 14.11 -0.36
C PRO B 191 -29.94 13.26 -0.83
N ASP B 192 -29.85 12.70 -2.03
CA ASP B 192 -30.93 11.88 -2.56
C ASP B 192 -30.85 10.42 -2.14
N LEU B 193 -29.86 10.09 -1.34
CA LEU B 193 -29.68 8.72 -0.88
C LEU B 193 -30.92 8.18 -0.14
N GLY B 194 -31.71 9.09 0.43
CA GLY B 194 -32.91 8.67 1.13
C GLY B 194 -34.17 8.61 0.28
N LYS B 195 -34.28 9.55 -0.65
CA LYS B 195 -35.44 9.61 -1.54
C LYS B 195 -35.68 8.29 -2.27
N GLU B 196 -36.97 7.93 -2.37
CA GLU B 196 -37.38 6.70 -3.04
C GLU B 196 -36.62 5.48 -2.53
N SER B 197 -36.60 5.30 -1.22
CA SER B 197 -35.93 4.18 -0.61
C SER B 197 -37.01 3.19 -0.21
N GLY B 198 -38.24 3.69 -0.14
CA GLY B 198 -39.36 2.85 0.24
C GLY B 198 -39.44 2.72 1.75
N LEU B 199 -38.53 3.36 2.45
CA LEU B 199 -38.52 3.29 3.90
C LEU B 199 -38.93 4.62 4.52
N VAL B 200 -39.37 4.56 5.77
CA VAL B 200 -39.73 5.77 6.48
C VAL B 200 -38.46 6.08 7.28
N LEU B 201 -37.86 7.21 7.00
CA LEU B 201 -36.61 7.60 7.66
C LEU B 201 -36.65 8.90 8.44
N ARG B 202 -36.01 8.88 9.61
CA ARG B 202 -35.90 10.04 10.49
C ARG B 202 -34.42 10.25 10.77
N ASP B 203 -34.02 11.49 11.07
CA ASP B 203 -32.63 11.75 11.36
C ASP B 203 -32.28 11.21 12.74
N GLY B 204 -31.17 10.48 12.84
CA GLY B 204 -30.75 9.92 14.11
C GLY B 204 -30.02 10.90 15.02
N GLU B 205 -29.77 12.10 14.52
CA GLU B 205 -29.09 13.15 15.30
C GLU B 205 -27.62 12.84 15.62
N VAL B 206 -26.98 12.08 14.74
CA VAL B 206 -25.58 11.79 14.91
C VAL B 206 -24.89 11.93 13.58
N LEU B 207 -23.94 12.84 13.52
CA LEU B 207 -23.20 13.04 12.30
C LEU B 207 -21.85 12.32 12.38
N LEU B 208 -21.25 12.35 13.56
CA LEU B 208 -19.95 11.77 13.79
C LEU B 208 -19.92 10.96 15.08
N PRO B 209 -19.05 9.95 15.16
CA PRO B 209 -18.96 9.12 16.37
C PRO B 209 -18.46 9.93 17.58
N ALA B 210 -18.78 9.47 18.78
CA ALA B 210 -18.33 10.13 20.01
C ALA B 210 -17.90 9.04 21.01
N ALA B 211 -16.70 9.20 21.57
CA ALA B 211 -16.15 8.23 22.53
C ALA B 211 -17.17 7.80 23.59
N GLU B 212 -17.95 8.77 24.05
CA GLU B 212 -19.00 8.51 25.05
C GLU B 212 -19.78 7.25 24.67
N ASP B 213 -20.16 7.17 23.40
CA ASP B 213 -20.94 6.05 22.89
C ASP B 213 -20.17 4.75 22.66
N MET B 214 -18.85 4.79 22.79
CA MET B 214 -18.04 3.60 22.64
C MET B 214 -18.07 2.83 23.97
N LEU B 215 -18.22 3.58 25.06
CA LEU B 215 -18.23 3.00 26.41
C LEU B 215 -19.20 1.85 26.65
N PRO B 216 -20.50 2.01 26.30
CA PRO B 216 -21.44 0.92 26.54
C PRO B 216 -21.00 -0.31 25.76
N ILE B 217 -20.67 -0.10 24.50
CA ILE B 217 -20.24 -1.19 23.65
C ILE B 217 -19.02 -1.88 24.24
N ALA B 218 -18.07 -1.08 24.72
CA ALA B 218 -16.84 -1.61 25.31
C ALA B 218 -17.10 -2.40 26.60
N CYS B 219 -18.00 -1.92 27.46
CA CYS B 219 -18.30 -2.64 28.70
C CYS B 219 -18.78 -4.04 28.35
N GLN B 220 -19.67 -4.12 27.37
CA GLN B 220 -20.21 -5.42 26.95
C GLN B 220 -19.12 -6.34 26.39
N MET B 221 -18.20 -5.79 25.60
CA MET B 221 -17.14 -6.60 25.01
C MET B 221 -16.14 -7.10 26.05
N PHE B 222 -15.84 -6.25 27.02
CA PHE B 222 -14.91 -6.63 28.07
C PHE B 222 -15.54 -7.76 28.88
N ALA B 223 -16.85 -7.72 29.03
CA ALA B 223 -17.58 -8.74 29.77
C ALA B 223 -17.52 -10.08 29.06
N GLU B 224 -17.51 -10.04 27.73
CA GLU B 224 -17.46 -11.26 26.92
C GLU B 224 -16.03 -11.67 26.59
N GLY B 225 -15.05 -10.99 27.18
CA GLY B 225 -13.66 -11.32 26.91
C GLY B 225 -13.17 -10.93 25.51
N LYS B 226 -13.89 -10.05 24.83
CA LYS B 226 -13.51 -9.63 23.49
C LYS B 226 -12.50 -8.48 23.51
N THR B 227 -11.25 -8.84 23.75
CA THR B 227 -10.16 -7.86 23.80
C THR B 227 -8.95 -8.38 23.02
N VAL B 228 -7.88 -7.61 23.02
CA VAL B 228 -6.64 -7.98 22.33
C VAL B 228 -5.50 -7.27 23.02
N ALA B 229 -4.28 -7.73 22.76
CA ALA B 229 -3.08 -7.14 23.33
C ALA B 229 -2.71 -5.91 22.48
N VAL B 230 -1.97 -4.99 23.07
CA VAL B 230 -1.55 -3.76 22.41
C VAL B 230 -1.05 -3.98 20.99
N GLU B 231 -0.11 -4.90 20.84
CA GLU B 231 0.48 -5.19 19.53
C GLU B 231 -0.52 -5.73 18.49
N HIS B 232 -1.73 -6.07 18.92
CA HIS B 232 -2.70 -6.60 17.97
C HIS B 232 -3.87 -5.67 17.68
N ALA B 233 -3.75 -4.41 18.06
CA ALA B 233 -4.80 -3.44 17.78
C ALA B 233 -4.72 -3.17 16.29
N GLU B 234 -5.82 -3.36 15.59
CA GLU B 234 -5.86 -3.14 14.14
C GLU B 234 -7.13 -2.45 13.71
N PRO B 235 -7.07 -1.79 12.54
CA PRO B 235 -8.26 -1.13 12.02
C PRO B 235 -9.03 -2.18 11.24
N VAL B 236 -10.34 -2.02 11.12
CA VAL B 236 -11.12 -2.97 10.37
C VAL B 236 -10.78 -2.77 8.90
N TYR B 237 -10.91 -3.83 8.10
CA TYR B 237 -10.62 -3.72 6.67
C TYR B 237 -11.88 -4.12 5.91
N LEU B 238 -12.52 -3.13 5.29
CA LEU B 238 -13.75 -3.37 4.53
C LEU B 238 -13.51 -3.41 3.01
N ARG B 239 -12.82 -2.50 2.49
N GLY C 20 -9.45 2.72 -41.27
CA GLY C 20 -10.57 2.02 -40.55
C GLY C 20 -10.33 1.84 -39.06
N LEU C 21 -11.35 1.42 -38.34
CA LEU C 21 -11.26 1.21 -36.89
C LEU C 21 -10.73 -0.15 -36.49
N ARG C 22 -9.60 -0.15 -35.77
CA ARG C 22 -8.95 -1.37 -35.30
C ARG C 22 -8.76 -1.34 -33.79
N ILE C 23 -9.39 -2.30 -33.10
CA ILE C 23 -9.29 -2.40 -31.65
C ILE C 23 -8.76 -3.76 -31.18
N LEU C 24 -7.70 -3.72 -30.39
CA LEU C 24 -7.07 -4.92 -29.86
C LEU C 24 -7.43 -5.05 -28.38
N ALA C 25 -7.93 -6.21 -27.98
CA ALA C 25 -8.33 -6.43 -26.59
C ALA C 25 -7.63 -7.64 -25.99
N ILE C 26 -7.28 -7.53 -24.71
CA ILE C 26 -6.63 -8.62 -24.00
C ILE C 26 -7.28 -8.74 -22.63
N ASP C 27 -7.20 -9.93 -22.05
CA ASP C 27 -7.81 -10.17 -20.75
C ASP C 27 -7.12 -11.27 -19.95
N THR C 28 -7.02 -11.05 -18.63
CA THR C 28 -6.42 -12.00 -17.70
C THR C 28 -7.07 -11.84 -16.32
N ALA C 29 -8.21 -11.17 -16.28
CA ALA C 29 -8.90 -10.95 -15.01
C ALA C 29 -9.24 -12.24 -14.29
N THR C 30 -9.47 -13.31 -15.05
CA THR C 30 -9.81 -14.59 -14.46
C THR C 30 -8.81 -15.66 -14.86
N GLU C 31 -9.25 -16.91 -14.77
CA GLU C 31 -8.42 -18.06 -15.13
C GLU C 31 -8.22 -18.04 -16.63
N ALA C 32 -9.20 -17.45 -17.34
CA ALA C 32 -9.16 -17.35 -18.78
C ALA C 32 -8.05 -16.45 -19.29
N CYS C 33 -7.59 -16.78 -20.49
CA CYS C 33 -6.50 -16.11 -21.18
C CYS C 33 -6.92 -15.79 -22.59
N SER C 34 -7.25 -14.54 -22.92
CA SER C 34 -7.70 -14.27 -24.29
C SER C 34 -7.28 -12.96 -24.94
N VAL C 35 -7.37 -12.96 -26.26
CA VAL C 35 -7.03 -11.80 -27.09
C VAL C 35 -7.94 -11.77 -28.31
N ALA C 36 -8.36 -10.57 -28.72
CA ALA C 36 -9.24 -10.45 -29.88
C ALA C 36 -9.02 -9.12 -30.56
N LEU C 37 -9.17 -9.11 -31.89
CA LEU C 37 -8.97 -7.91 -32.67
C LEU C 37 -10.16 -7.63 -33.58
N TRP C 38 -10.60 -6.38 -33.58
CA TRP C 38 -11.68 -5.94 -34.44
C TRP C 38 -10.96 -5.18 -35.54
N ASN C 39 -10.84 -5.79 -36.71
CA ASN C 39 -10.13 -5.16 -37.81
C ASN C 39 -11.07 -4.76 -38.93
N ASP C 40 -11.90 -3.76 -38.67
CA ASP C 40 -12.87 -3.26 -39.66
C ASP C 40 -13.99 -4.27 -39.90
N GLY C 41 -14.69 -4.65 -38.84
CA GLY C 41 -15.77 -5.60 -39.00
C GLY C 41 -15.32 -7.04 -38.95
N THR C 42 -14.04 -7.30 -39.20
CA THR C 42 -13.53 -8.66 -39.17
C THR C 42 -12.94 -8.96 -37.78
N VAL C 43 -13.49 -10.00 -37.13
CA VAL C 43 -13.03 -10.40 -35.81
C VAL C 43 -11.99 -11.50 -35.87
N ASN C 44 -10.87 -11.26 -35.22
CA ASN C 44 -9.79 -12.24 -35.17
C ASN C 44 -9.49 -12.42 -33.68
N ALA C 45 -9.72 -13.63 -33.17
CA ALA C 45 -9.50 -13.88 -31.75
C ALA C 45 -8.97 -15.25 -31.35
N HIS C 46 -8.58 -15.35 -30.09
CA HIS C 46 -8.06 -16.57 -29.49
C HIS C 46 -8.53 -16.62 -28.04
N PHE C 47 -8.71 -17.83 -27.52
CA PHE C 47 -9.14 -18.01 -26.14
C PHE C 47 -8.41 -19.22 -25.56
N GLU C 48 -7.82 -19.04 -24.39
CA GLU C 48 -7.07 -20.11 -23.73
C GLU C 48 -7.20 -20.00 -22.23
N LEU C 49 -6.63 -20.95 -21.51
CA LEU C 49 -6.65 -20.92 -20.06
C LEU C 49 -5.24 -20.60 -19.57
N CYS C 50 -5.13 -19.79 -18.53
CA CYS C 50 -3.83 -19.45 -17.93
C CYS C 50 -3.99 -19.43 -16.42
N PRO C 51 -4.08 -20.61 -15.82
CA PRO C 51 -4.24 -20.71 -14.37
C PRO C 51 -3.07 -20.15 -13.57
N ARG C 52 -3.32 -19.95 -12.28
CA ARG C 52 -2.31 -19.46 -11.35
C ARG C 52 -1.54 -18.25 -11.84
N GLU C 53 -2.19 -17.41 -12.64
CA GLU C 53 -1.57 -16.21 -13.16
C GLU C 53 -0.38 -16.41 -14.12
N HIS C 54 -0.32 -17.55 -14.81
CA HIS C 54 0.75 -17.77 -15.79
C HIS C 54 0.19 -17.20 -17.09
N THR C 55 0.25 -15.86 -17.19
CA THR C 55 -0.28 -15.09 -18.32
C THR C 55 0.55 -15.01 -19.59
N GLN C 56 1.71 -15.66 -19.57
CA GLN C 56 2.63 -15.69 -20.69
C GLN C 56 1.97 -15.80 -22.08
N ARG C 57 1.05 -16.75 -22.25
CA ARG C 57 0.39 -16.96 -23.54
C ARG C 57 -0.31 -15.74 -24.17
N ILE C 58 -0.57 -14.70 -23.38
CA ILE C 58 -1.21 -13.50 -23.92
C ILE C 58 -0.39 -12.93 -25.09
N LEU C 59 0.92 -12.83 -24.87
CA LEU C 59 1.80 -12.25 -25.88
C LEU C 59 1.86 -12.98 -27.23
N PRO C 60 2.02 -14.31 -27.21
CA PRO C 60 2.06 -14.97 -28.53
C PRO C 60 0.68 -14.88 -29.20
N MET C 61 -0.38 -14.83 -28.40
CA MET C 61 -1.72 -14.74 -28.95
C MET C 61 -1.85 -13.38 -29.64
N VAL C 62 -1.34 -12.34 -28.99
CA VAL C 62 -1.39 -11.01 -29.54
C VAL C 62 -0.55 -10.98 -30.81
N GLN C 63 0.67 -11.49 -30.70
CA GLN C 63 1.59 -11.52 -31.82
C GLN C 63 0.99 -12.22 -33.04
N ASP C 64 0.29 -13.33 -32.82
CA ASP C 64 -0.32 -14.08 -33.91
C ASP C 64 -1.44 -13.32 -34.61
N ILE C 65 -2.31 -12.71 -33.83
CA ILE C 65 -3.42 -11.96 -34.37
C ILE C 65 -2.92 -10.78 -35.19
N LEU C 66 -1.91 -10.08 -34.67
CA LEU C 66 -1.33 -8.95 -35.37
C LEU C 66 -0.76 -9.38 -36.71
N THR C 67 0.02 -10.46 -36.67
CA THR C 67 0.65 -11.00 -37.87
C THR C 67 -0.38 -11.44 -38.92
N THR C 68 -1.24 -12.39 -38.55
CA THR C 68 -2.25 -12.90 -39.46
C THR C 68 -3.12 -11.80 -40.06
N SER C 69 -3.41 -10.79 -39.26
CA SER C 69 -4.24 -9.66 -39.70
C SER C 69 -3.45 -8.66 -40.53
N GLY C 70 -2.12 -8.76 -40.46
CA GLY C 70 -1.30 -7.81 -41.18
C GLY C 70 -1.49 -6.44 -40.55
N THR C 71 -1.58 -6.41 -39.23
CA THR C 71 -1.78 -5.15 -38.51
C THR C 71 -0.64 -4.86 -37.56
N SER C 72 -0.36 -3.58 -37.36
CA SER C 72 0.70 -3.15 -36.46
C SER C 72 0.06 -2.45 -35.27
N LEU C 73 0.75 -2.45 -34.14
CA LEU C 73 0.25 -1.81 -32.94
C LEU C 73 -0.01 -0.34 -33.21
N THR C 74 0.80 0.24 -34.09
CA THR C 74 0.68 1.64 -34.45
C THR C 74 -0.49 1.92 -35.37
N ASP C 75 -1.17 0.85 -35.81
CA ASP C 75 -2.32 0.99 -36.68
C ASP C 75 -3.59 0.80 -35.86
N ILE C 76 -3.40 0.37 -34.61
CA ILE C 76 -4.52 0.15 -33.70
C ILE C 76 -4.95 1.48 -33.10
N ASN C 77 -6.25 1.74 -33.08
CA ASN C 77 -6.76 3.00 -32.55
C ASN C 77 -7.00 2.98 -31.03
N ALA C 78 -7.14 1.79 -30.46
CA ALA C 78 -7.36 1.67 -29.03
C ALA C 78 -7.08 0.25 -28.54
N LEU C 79 -6.67 0.13 -27.29
CA LEU C 79 -6.37 -1.18 -26.71
C LEU C 79 -7.29 -1.39 -25.53
N ALA C 80 -8.08 -2.46 -25.58
CA ALA C 80 -9.02 -2.78 -24.51
C ALA C 80 -8.44 -3.79 -23.52
N TYR C 81 -8.66 -3.54 -22.23
CA TYR C 81 -8.16 -4.45 -21.21
C TYR C 81 -9.28 -4.80 -20.26
N GLY C 82 -9.13 -5.93 -19.57
CA GLY C 82 -10.13 -6.37 -18.61
C GLY C 82 -9.97 -5.60 -17.32
N ARG C 83 -10.93 -4.74 -17.04
CA ARG C 83 -10.94 -3.91 -15.84
C ARG C 83 -11.29 -4.64 -14.55
N GLY C 84 -11.91 -5.81 -14.68
CA GLY C 84 -12.34 -6.54 -13.50
C GLY C 84 -13.83 -6.27 -13.39
N PRO C 85 -14.48 -6.62 -12.26
CA PRO C 85 -13.83 -7.25 -11.11
C PRO C 85 -13.44 -8.69 -11.40
N GLY C 86 -12.49 -9.19 -10.60
CA GLY C 86 -12.02 -10.55 -10.77
C GLY C 86 -10.83 -10.77 -9.85
N SER C 87 -9.79 -11.39 -10.39
CA SER C 87 -8.58 -11.66 -9.62
C SER C 87 -7.79 -10.36 -9.45
N PHE C 88 -7.48 -10.02 -8.20
CA PHE C 88 -6.71 -8.80 -7.91
C PHE C 88 -5.43 -8.77 -8.74
N THR C 89 -4.67 -9.85 -8.69
CA THR C 89 -3.41 -9.93 -9.44
C THR C 89 -3.69 -10.02 -10.94
N GLY C 90 -4.62 -10.89 -11.31
CA GLY C 90 -4.96 -11.08 -12.71
C GLY C 90 -5.26 -9.78 -13.42
N VAL C 91 -6.17 -8.99 -12.88
CA VAL C 91 -6.54 -7.72 -13.48
C VAL C 91 -5.31 -6.84 -13.66
N ARG C 92 -4.55 -6.66 -12.58
CA ARG C 92 -3.36 -5.82 -12.64
C ARG C 92 -2.33 -6.30 -13.65
N ILE C 93 -2.15 -7.62 -13.76
CA ILE C 93 -1.20 -8.18 -14.72
C ILE C 93 -1.68 -7.82 -16.11
N GLY C 94 -2.96 -8.05 -16.37
CA GLY C 94 -3.54 -7.73 -17.66
C GLY C 94 -3.27 -6.28 -17.99
N ILE C 95 -3.58 -5.39 -17.06
CA ILE C 95 -3.34 -3.97 -17.26
C ILE C 95 -1.84 -3.76 -17.53
N GLY C 96 -1.00 -4.42 -16.73
CA GLY C 96 0.43 -4.32 -16.92
C GLY C 96 0.80 -4.61 -18.37
N ILE C 97 0.43 -5.78 -18.86
CA ILE C 97 0.73 -6.17 -20.24
C ILE C 97 0.18 -5.14 -21.25
N ALA C 98 -1.03 -4.63 -20.97
CA ALA C 98 -1.67 -3.66 -21.86
C ALA C 98 -0.91 -2.33 -21.92
N GLN C 99 -0.43 -1.86 -20.78
CA GLN C 99 0.31 -0.61 -20.75
C GLN C 99 1.59 -0.74 -21.57
N GLY C 100 2.28 -1.87 -21.40
CA GLY C 100 3.49 -2.11 -22.15
C GLY C 100 3.21 -2.08 -23.65
N LEU C 101 2.12 -2.71 -24.06
CA LEU C 101 1.75 -2.75 -25.48
C LEU C 101 1.33 -1.37 -25.99
N ALA C 102 0.78 -0.55 -25.11
CA ALA C 102 0.31 0.78 -25.46
C ALA C 102 1.30 1.92 -25.36
N LEU C 103 2.32 1.79 -24.53
CA LEU C 103 3.29 2.86 -24.34
C LEU C 103 4.00 3.33 -25.61
N GLY C 104 4.59 2.40 -26.34
CA GLY C 104 5.29 2.74 -27.57
C GLY C 104 4.50 3.57 -28.56
N ALA C 105 3.28 3.13 -28.86
CA ALA C 105 2.42 3.82 -29.81
C ALA C 105 1.50 4.82 -29.14
N GLU C 106 1.56 4.90 -27.82
CA GLU C 106 0.71 5.81 -27.05
C GLU C 106 -0.76 5.58 -27.39
N LEU C 107 -1.14 4.30 -27.43
CA LEU C 107 -2.51 3.91 -27.75
C LEU C 107 -3.48 4.23 -26.63
N PRO C 108 -4.71 4.63 -26.97
CA PRO C 108 -5.70 4.94 -25.94
C PRO C 108 -6.13 3.60 -25.37
N MET C 109 -6.40 3.55 -24.07
CA MET C 109 -6.82 2.30 -23.45
C MET C 109 -8.26 2.38 -22.95
N ILE C 110 -8.99 1.29 -23.16
CA ILE C 110 -10.39 1.20 -22.77
C ILE C 110 -10.61 0.07 -21.77
N GLY C 111 -11.08 0.41 -20.58
CA GLY C 111 -11.35 -0.59 -19.57
C GLY C 111 -12.73 -1.19 -19.79
N VAL C 112 -12.81 -2.51 -19.88
CA VAL C 112 -14.08 -3.20 -20.10
C VAL C 112 -14.43 -4.08 -18.92
N SER C 113 -15.66 -3.94 -18.44
CA SER C 113 -16.10 -4.73 -17.31
C SER C 113 -16.06 -6.23 -17.61
N THR C 114 -15.47 -6.96 -16.68
CA THR C 114 -15.36 -8.40 -16.76
C THR C 114 -16.76 -8.98 -16.75
N LEU C 115 -17.59 -8.46 -15.85
CA LEU C 115 -18.95 -8.91 -15.73
C LEU C 115 -19.74 -8.62 -17.02
N MET C 116 -19.58 -7.42 -17.57
CA MET C 116 -20.29 -7.07 -18.80
C MET C 116 -19.80 -7.91 -19.99
N THR C 117 -18.52 -8.27 -19.96
CA THR C 117 -17.94 -9.06 -21.02
C THR C 117 -18.60 -10.45 -21.11
N MET C 118 -18.95 -11.02 -19.96
CA MET C 118 -19.61 -12.31 -19.98
C MET C 118 -21.06 -12.20 -20.48
N ALA C 119 -21.69 -11.05 -20.21
CA ALA C 119 -23.06 -10.83 -20.67
C ALA C 119 -23.04 -10.88 -22.20
N GLN C 120 -22.17 -10.08 -22.80
CA GLN C 120 -22.01 -10.04 -24.25
C GLN C 120 -21.78 -11.45 -24.79
N GLY C 121 -21.11 -12.27 -23.99
CA GLY C 121 -20.83 -13.64 -24.39
C GLY C 121 -22.09 -14.49 -24.39
N ALA C 122 -23.02 -14.16 -23.50
CA ALA C 122 -24.28 -14.90 -23.42
C ALA C 122 -25.11 -14.52 -24.64
N TRP C 123 -24.96 -13.29 -25.09
CA TRP C 123 -25.66 -12.83 -26.26
C TRP C 123 -25.08 -13.52 -27.49
N ARG C 124 -23.77 -13.47 -27.63
CA ARG C 124 -23.09 -14.10 -28.76
C ARG C 124 -23.48 -15.57 -28.90
N LYS C 125 -23.55 -16.28 -27.77
CA LYS C 125 -23.88 -17.70 -27.78
C LYS C 125 -25.36 -18.04 -27.90
N ASN C 126 -26.22 -17.32 -27.17
CA ASN C 126 -27.64 -17.61 -27.18
C ASN C 126 -28.57 -16.47 -27.52
N GLY C 127 -28.01 -15.28 -27.75
CA GLY C 127 -28.87 -14.14 -28.06
C GLY C 127 -29.53 -13.62 -26.80
N ALA C 128 -29.10 -14.11 -25.65
CA ALA C 128 -29.65 -13.67 -24.37
C ALA C 128 -29.56 -12.15 -24.26
N THR C 129 -30.59 -11.54 -23.68
CA THR C 129 -30.64 -10.09 -23.54
C THR C 129 -30.64 -9.61 -22.09
N ARG C 130 -30.90 -10.53 -21.15
CA ARG C 130 -30.93 -10.20 -19.74
C ARG C 130 -29.96 -11.12 -19.00
N VAL C 131 -28.86 -10.57 -18.51
CA VAL C 131 -27.85 -11.40 -17.86
C VAL C 131 -27.54 -11.10 -16.39
N LEU C 132 -27.52 -12.17 -15.60
CA LEU C 132 -27.20 -12.10 -14.19
C LEU C 132 -25.78 -12.66 -14.03
N ALA C 133 -24.78 -11.79 -14.08
CA ALA C 133 -23.39 -12.21 -13.94
C ALA C 133 -22.97 -12.30 -12.47
N ALA C 134 -22.33 -13.41 -12.13
CA ALA C 134 -21.86 -13.65 -10.78
C ALA C 134 -20.48 -14.32 -10.82
N ILE C 135 -19.51 -13.68 -10.20
CA ILE C 135 -18.15 -14.21 -10.19
C ILE C 135 -17.73 -14.56 -8.77
N ASP C 136 -17.22 -15.78 -8.58
CA ASP C 136 -16.78 -16.20 -7.26
C ASP C 136 -15.64 -15.27 -6.85
N ALA C 137 -15.89 -14.43 -5.85
CA ALA C 137 -14.90 -13.47 -5.39
C ALA C 137 -13.95 -14.09 -4.35
N ARG C 138 -14.17 -15.37 -4.05
CA ARG C 138 -13.36 -16.11 -3.09
C ARG C 138 -13.50 -15.58 -1.66
N MET C 139 -13.84 -14.31 -1.52
CA MET C 139 -14.01 -13.70 -0.21
C MET C 139 -15.05 -14.47 0.58
N GLY C 140 -15.94 -15.11 -0.16
CA GLY C 140 -17.05 -15.84 0.43
C GLY C 140 -18.23 -15.07 -0.14
N GLU C 141 -17.87 -14.03 -0.90
CA GLU C 141 -18.80 -13.14 -1.56
C GLU C 141 -18.83 -13.46 -3.05
N VAL C 142 -19.44 -12.57 -3.81
CA VAL C 142 -19.55 -12.75 -5.26
C VAL C 142 -19.64 -11.41 -5.96
N TYR C 143 -18.83 -11.23 -7.00
CA TYR C 143 -18.90 -10.00 -7.77
C TYR C 143 -20.23 -10.18 -8.50
N TRP C 144 -21.08 -9.15 -8.45
CA TRP C 144 -22.40 -9.22 -9.04
C TRP C 144 -22.77 -8.09 -10.00
N ALA C 145 -23.62 -8.41 -10.96
CA ALA C 145 -24.09 -7.43 -11.93
C ALA C 145 -25.36 -7.93 -12.63
N GLU C 146 -26.15 -6.97 -13.11
CA GLU C 146 -27.39 -7.26 -13.80
C GLU C 146 -27.36 -6.47 -15.10
N TYR C 147 -27.04 -7.15 -16.19
CA TYR C 147 -26.97 -6.48 -17.47
C TYR C 147 -28.15 -6.82 -18.37
N GLN C 148 -28.55 -5.84 -19.16
CA GLN C 148 -29.66 -5.98 -20.10
C GLN C 148 -29.32 -5.15 -21.33
N ARG C 149 -29.39 -5.76 -22.51
CA ARG C 149 -29.09 -4.99 -23.70
C ARG C 149 -30.34 -4.47 -24.40
N ASP C 150 -30.19 -3.31 -25.01
CA ASP C 150 -31.28 -2.66 -25.71
C ASP C 150 -31.25 -3.05 -27.19
N GLU C 151 -32.08 -2.37 -27.98
CA GLU C 151 -32.18 -2.63 -29.41
C GLU C 151 -30.87 -2.31 -30.13
N ASN C 152 -30.10 -1.36 -29.60
CA ASN C 152 -28.84 -1.00 -30.23
C ASN C 152 -27.66 -1.88 -29.84
N GLY C 153 -27.92 -2.89 -29.02
CA GLY C 153 -26.86 -3.79 -28.60
C GLY C 153 -26.03 -3.29 -27.43
N ILE C 154 -26.39 -2.13 -26.88
CA ILE C 154 -25.65 -1.58 -25.75
C ILE C 154 -26.20 -2.16 -24.44
N TRP C 155 -25.29 -2.57 -23.56
CA TRP C 155 -25.71 -3.15 -22.29
C TRP C 155 -26.00 -2.10 -21.22
N HIS C 156 -27.05 -2.36 -20.45
CA HIS C 156 -27.47 -1.48 -19.37
C HIS C 156 -27.34 -2.22 -18.05
N GLY C 157 -26.95 -1.51 -16.99
CA GLY C 157 -26.83 -2.15 -15.69
C GLY C 157 -25.45 -2.08 -15.06
N GLU C 158 -24.56 -1.31 -15.65
CA GLU C 158 -23.20 -1.19 -15.11
C GLU C 158 -23.26 -0.61 -13.72
N GLU C 159 -24.28 0.19 -13.46
CA GLU C 159 -24.45 0.82 -12.16
C GLU C 159 -24.86 -0.18 -11.09
N THR C 160 -25.13 -1.42 -11.50
CA THR C 160 -25.54 -2.46 -10.55
C THR C 160 -24.40 -3.36 -10.08
N GLU C 161 -23.21 -3.19 -10.64
CA GLU C 161 -22.08 -4.03 -10.22
C GLU C 161 -21.80 -3.83 -8.74
N ALA C 162 -21.57 -4.94 -8.06
CA ALA C 162 -21.29 -4.90 -6.63
C ALA C 162 -20.69 -6.20 -6.13
N VAL C 163 -20.05 -6.16 -4.98
CA VAL C 163 -19.49 -7.36 -4.39
C VAL C 163 -20.38 -7.64 -3.18
N LEU C 164 -21.05 -8.77 -3.18
CA LEU C 164 -21.94 -9.10 -2.09
C LEU C 164 -22.03 -10.59 -1.78
N LYS C 165 -22.62 -10.90 -0.63
CA LYS C 165 -22.77 -12.26 -0.17
C LYS C 165 -23.96 -12.98 -0.82
N PRO C 166 -23.98 -14.31 -0.73
CA PRO C 166 -25.06 -15.10 -1.32
C PRO C 166 -26.46 -14.67 -0.85
N GLU C 167 -26.70 -14.69 0.46
CA GLU C 167 -28.01 -14.29 0.98
C GLU C 167 -28.46 -12.92 0.47
N ILE C 168 -27.55 -11.95 0.41
CA ILE C 168 -27.92 -10.63 -0.07
C ILE C 168 -28.23 -10.68 -1.57
N VAL C 169 -27.49 -11.51 -2.31
CA VAL C 169 -27.75 -11.66 -3.73
C VAL C 169 -29.16 -12.20 -3.83
N HIS C 170 -29.48 -13.15 -2.95
CA HIS C 170 -30.80 -13.76 -2.91
C HIS C 170 -31.87 -12.69 -2.72
N GLU C 171 -31.62 -11.76 -1.81
CA GLU C 171 -32.59 -10.70 -1.56
C GLU C 171 -32.73 -9.76 -2.74
N ARG C 172 -31.63 -9.54 -3.47
CA ARG C 172 -31.68 -8.66 -4.64
C ARG C 172 -32.45 -9.29 -5.78
N MET C 173 -32.30 -10.60 -5.95
CA MET C 173 -33.01 -11.28 -7.01
C MET C 173 -34.50 -11.23 -6.69
N GLN C 174 -34.83 -11.35 -5.40
CA GLN C 174 -36.23 -11.32 -4.98
C GLN C 174 -36.87 -9.99 -5.35
N GLN C 175 -36.04 -8.98 -5.60
CA GLN C 175 -36.53 -7.66 -5.98
C GLN C 175 -36.55 -7.54 -7.51
N LEU C 176 -36.10 -8.59 -8.18
CA LEU C 176 -36.08 -8.60 -9.64
C LEU C 176 -37.22 -9.50 -10.14
N SER C 177 -37.49 -9.44 -11.45
CA SER C 177 -38.53 -10.25 -12.05
C SER C 177 -38.17 -10.58 -13.50
N GLY C 178 -38.99 -11.42 -14.13
CA GLY C 178 -38.73 -11.78 -15.51
C GLY C 178 -37.80 -12.97 -15.67
N GLU C 179 -37.28 -13.15 -16.88
CA GLU C 179 -36.38 -14.25 -17.19
C GLU C 179 -34.96 -13.75 -17.39
N TRP C 180 -33.99 -14.46 -16.82
CA TRP C 180 -32.58 -14.09 -16.94
C TRP C 180 -31.72 -15.32 -17.24
N VAL C 181 -30.53 -15.08 -17.78
CA VAL C 181 -29.58 -16.15 -18.03
C VAL C 181 -28.45 -15.91 -17.04
N THR C 182 -27.86 -16.99 -16.54
CA THR C 182 -26.77 -16.89 -15.59
C THR C 182 -25.41 -17.13 -16.24
N VAL C 183 -24.40 -16.37 -15.79
CA VAL C 183 -23.03 -16.50 -16.31
C VAL C 183 -22.03 -16.24 -15.19
N GLY C 184 -20.94 -16.99 -15.18
CA GLY C 184 -19.92 -16.79 -14.15
C GLY C 184 -19.71 -17.91 -13.16
N THR C 185 -18.50 -17.96 -12.59
CA THR C 185 -18.12 -18.96 -11.61
C THR C 185 -18.91 -18.79 -10.33
N GLY C 186 -19.61 -17.66 -10.22
CA GLY C 186 -20.39 -17.40 -9.02
C GLY C 186 -21.44 -18.50 -8.84
N TRP C 187 -22.14 -18.79 -9.93
CA TRP C 187 -23.17 -19.83 -9.90
C TRP C 187 -22.57 -21.21 -9.62
N GLN C 188 -21.38 -21.47 -10.13
CA GLN C 188 -20.73 -22.76 -9.88
C GLN C 188 -20.28 -22.83 -8.43
N ALA C 189 -19.85 -21.70 -7.89
CA ALA C 189 -19.38 -21.64 -6.50
C ALA C 189 -20.54 -21.78 -5.52
N TRP C 190 -21.72 -21.30 -5.92
CA TRP C 190 -22.89 -21.41 -5.06
C TRP C 190 -24.03 -22.01 -5.87
N PRO C 191 -24.12 -23.34 -5.88
CA PRO C 191 -25.13 -24.13 -6.60
C PRO C 191 -26.57 -23.67 -6.42
N ASP C 192 -26.96 -23.39 -5.17
CA ASP C 192 -28.31 -22.97 -4.89
C ASP C 192 -28.51 -21.46 -4.88
N LEU C 193 -27.57 -20.73 -5.45
CA LEU C 193 -27.65 -19.27 -5.49
C LEU C 193 -28.93 -18.81 -6.18
N GLY C 194 -29.51 -19.66 -7.02
CA GLY C 194 -30.72 -19.29 -7.72
C GLY C 194 -31.99 -19.82 -7.07
N LYS C 195 -31.88 -20.91 -6.32
CA LYS C 195 -33.04 -21.51 -5.66
C LYS C 195 -33.85 -20.54 -4.82
N GLU C 196 -35.16 -20.51 -5.09
CA GLU C 196 -36.09 -19.64 -4.39
C GLU C 196 -35.83 -18.17 -4.72
N SER C 197 -35.37 -17.93 -5.93
CA SER C 197 -35.09 -16.57 -6.38
C SER C 197 -36.40 -15.97 -6.88
N GLY C 198 -37.33 -16.86 -7.22
CA GLY C 198 -38.62 -16.42 -7.72
C GLY C 198 -38.49 -15.91 -9.15
N LEU C 199 -37.41 -16.31 -9.81
CA LEU C 199 -37.17 -15.90 -11.19
C LEU C 199 -37.02 -17.07 -12.14
N VAL C 200 -37.24 -16.79 -13.43
CA VAL C 200 -37.08 -17.78 -14.47
C VAL C 200 -35.61 -17.69 -14.87
N LEU C 201 -34.81 -18.64 -14.40
CA LEU C 201 -33.38 -18.65 -14.68
C LEU C 201 -32.84 -19.77 -15.56
N ARG C 202 -32.11 -19.36 -16.59
CA ARG C 202 -31.49 -20.32 -17.50
C ARG C 202 -29.98 -20.06 -17.52
N ASP C 203 -29.20 -21.10 -17.79
CA ASP C 203 -27.76 -21.00 -17.84
C ASP C 203 -27.32 -20.31 -19.13
N GLY C 204 -26.58 -19.23 -18.99
CA GLY C 204 -26.12 -18.47 -20.15
C GLY C 204 -24.94 -19.11 -20.85
N GLU C 205 -24.44 -20.20 -20.29
CA GLU C 205 -23.33 -20.94 -20.87
C GLU C 205 -22.05 -20.14 -21.08
N VAL C 206 -21.73 -19.26 -20.13
CA VAL C 206 -20.53 -18.46 -20.18
C VAL C 206 -19.97 -18.44 -18.76
N LEU C 207 -18.91 -19.22 -18.54
CA LEU C 207 -18.29 -19.31 -17.22
C LEU C 207 -17.16 -18.29 -17.02
N LEU C 208 -16.46 -17.96 -18.10
CA LEU C 208 -15.35 -17.02 -18.02
C LEU C 208 -15.39 -16.01 -19.16
N PRO C 209 -14.83 -14.82 -18.93
CA PRO C 209 -14.82 -13.79 -19.98
C PRO C 209 -13.92 -14.15 -21.15
N ALA C 210 -14.23 -13.57 -22.31
CA ALA C 210 -13.46 -13.80 -23.53
C ALA C 210 -13.21 -12.45 -24.20
N ALA C 211 -11.98 -12.19 -24.62
CA ALA C 211 -11.61 -10.93 -25.26
C ALA C 211 -12.51 -10.67 -26.46
N GLU C 212 -12.93 -11.76 -27.10
CA GLU C 212 -13.79 -11.66 -28.26
C GLU C 212 -15.02 -10.81 -27.92
N ASP C 213 -15.56 -10.99 -26.73
CA ASP C 213 -16.74 -10.24 -26.31
C ASP C 213 -16.48 -8.83 -25.79
N MET C 214 -15.22 -8.48 -25.62
CA MET C 214 -14.90 -7.13 -25.14
C MET C 214 -15.00 -6.18 -26.31
N LEU C 215 -14.72 -6.71 -27.51
CA LEU C 215 -14.73 -5.92 -28.73
C LEU C 215 -15.94 -5.01 -29.00
N PRO C 216 -17.16 -5.56 -29.05
CA PRO C 216 -18.32 -4.68 -29.30
C PRO C 216 -18.37 -3.55 -28.28
N ILE C 217 -18.15 -3.90 -27.01
CA ILE C 217 -18.16 -2.93 -25.92
C ILE C 217 -17.07 -1.88 -26.08
N ALA C 218 -15.91 -2.30 -26.57
CA ALA C 218 -14.80 -1.37 -26.76
C ALA C 218 -15.12 -0.37 -27.87
N CYS C 219 -15.79 -0.84 -28.91
CA CYS C 219 -16.17 0.05 -30.01
C CYS C 219 -17.17 1.06 -29.45
N GLN C 220 -18.11 0.59 -28.63
CA GLN C 220 -19.11 1.44 -28.00
C GLN C 220 -18.36 2.56 -27.29
N MET C 221 -17.66 2.18 -26.22
CA MET C 221 -16.89 3.10 -25.41
C MET C 221 -16.00 4.04 -26.22
N PHE C 222 -15.36 3.51 -27.26
CA PHE C 222 -14.48 4.33 -28.09
C PHE C 222 -15.22 5.48 -28.74
N ALA C 223 -16.37 5.17 -29.35
CA ALA C 223 -17.19 6.16 -30.02
C ALA C 223 -17.61 7.27 -29.06
N GLU C 224 -17.61 6.96 -27.76
CA GLU C 224 -17.99 7.92 -26.74
C GLU C 224 -16.76 8.54 -26.06
N GLY C 225 -15.58 8.18 -26.55
CA GLY C 225 -14.34 8.70 -26.00
C GLY C 225 -14.04 8.29 -24.57
N LYS C 226 -14.63 7.19 -24.10
CA LYS C 226 -14.37 6.72 -22.75
C LYS C 226 -13.00 6.05 -22.66
N THR C 227 -12.02 6.63 -23.35
CA THR C 227 -10.65 6.13 -23.37
C THR C 227 -9.77 6.85 -22.35
N VAL C 228 -8.79 6.13 -21.81
CA VAL C 228 -7.88 6.72 -20.83
C VAL C 228 -6.44 6.64 -21.31
N ALA C 229 -5.61 7.53 -20.81
CA ALA C 229 -4.20 7.52 -21.18
C ALA C 229 -3.58 6.27 -20.55
N VAL C 230 -2.43 5.87 -21.05
CA VAL C 230 -1.75 4.68 -20.55
C VAL C 230 -1.45 4.75 -19.05
N GLU C 231 -0.92 5.88 -18.61
CA GLU C 231 -0.55 6.07 -17.21
C GLU C 231 -1.71 5.94 -16.23
N HIS C 232 -2.93 6.20 -16.71
CA HIS C 232 -4.11 6.14 -15.85
C HIS C 232 -5.00 4.91 -15.97
N ALA C 233 -4.59 3.92 -16.76
CA ALA C 233 -5.38 2.70 -16.90
C ALA C 233 -5.51 2.11 -15.49
N GLU C 234 -6.74 1.94 -15.03
CA GLU C 234 -6.94 1.40 -13.69
C GLU C 234 -7.98 0.31 -13.60
N PRO C 235 -7.86 -0.54 -12.58
CA PRO C 235 -8.80 -1.63 -12.37
C PRO C 235 -10.01 -1.06 -11.65
N VAL C 236 -11.16 -1.71 -11.77
CA VAL C 236 -12.33 -1.23 -11.08
C VAL C 236 -12.14 -1.69 -9.64
N TYR C 237 -12.59 -0.90 -8.68
CA TYR C 237 -12.43 -1.30 -7.29
C TYR C 237 -13.79 -1.65 -6.70
N LEU C 238 -13.83 -2.51 -5.79
N ALA D 19 26.25 2.83 -32.70
CA ALA D 19 25.91 1.38 -32.60
C ALA D 19 26.71 0.73 -31.49
N GLY D 20 26.01 -0.02 -30.64
CA GLY D 20 26.64 -0.68 -29.52
C GLY D 20 25.58 -1.31 -28.65
N LEU D 21 26.00 -1.98 -27.58
CA LEU D 21 25.07 -2.63 -26.70
C LEU D 21 24.16 -1.66 -25.96
N ARG D 22 22.86 -1.85 -26.12
CA ARG D 22 21.87 -1.02 -25.44
C ARG D 22 20.89 -1.97 -24.74
N ILE D 23 20.82 -1.89 -23.41
CA ILE D 23 19.92 -2.74 -22.64
C ILE D 23 19.10 -1.93 -21.64
N LEU D 24 17.79 -2.16 -21.64
CA LEU D 24 16.89 -1.48 -20.73
C LEU D 24 16.45 -2.44 -19.65
N ALA D 25 16.56 -2.02 -18.39
CA ALA D 25 16.17 -2.85 -17.26
C ALA D 25 14.96 -2.26 -16.55
N ILE D 26 14.09 -3.11 -16.04
CA ILE D 26 12.90 -2.69 -15.33
C ILE D 26 12.71 -3.62 -14.14
N ASP D 27 12.36 -3.05 -12.99
CA ASP D 27 12.18 -3.83 -11.77
C ASP D 27 11.08 -3.33 -10.83
N THR D 28 10.14 -4.21 -10.49
CA THR D 28 9.06 -3.89 -9.56
C THR D 28 8.88 -5.07 -8.60
N ALA D 29 9.92 -5.89 -8.47
CA ALA D 29 9.87 -7.08 -7.62
C ALA D 29 9.66 -6.83 -6.14
N THR D 30 10.14 -5.70 -5.65
CA THR D 30 10.01 -5.38 -4.23
C THR D 30 9.42 -4.00 -4.08
N GLU D 31 9.59 -3.41 -2.90
CA GLU D 31 9.07 -2.06 -2.64
C GLU D 31 9.75 -1.10 -3.60
N ALA D 32 10.99 -1.41 -3.97
CA ALA D 32 11.73 -0.57 -4.90
C ALA D 32 11.06 -0.66 -6.26
N CYS D 33 11.10 0.44 -6.99
CA CYS D 33 10.50 0.54 -8.32
C CYS D 33 11.50 1.33 -9.15
N SER D 34 12.23 0.65 -10.03
CA SER D 34 13.25 1.35 -10.80
C SER D 34 13.41 0.92 -12.25
N VAL D 35 14.13 1.76 -12.99
CA VAL D 35 14.41 1.53 -14.39
C VAL D 35 15.82 2.06 -14.70
N ALA D 36 16.54 1.34 -15.54
CA ALA D 36 17.88 1.76 -15.89
C ALA D 36 18.19 1.41 -17.34
N LEU D 37 19.03 2.22 -17.95
CA LEU D 37 19.40 2.00 -19.33
C LEU D 37 20.91 2.06 -19.52
N TRP D 38 21.43 0.99 -20.11
CA TRP D 38 22.84 0.91 -20.44
C TRP D 38 22.87 1.26 -21.91
N ASN D 39 23.51 2.38 -22.24
CA ASN D 39 23.59 2.83 -23.62
C ASN D 39 25.03 3.17 -24.01
N ASP D 40 25.65 2.27 -24.77
CA ASP D 40 27.02 2.45 -25.22
C ASP D 40 27.97 2.89 -24.10
N GLY D 41 28.05 2.08 -23.05
CA GLY D 41 28.93 2.39 -21.94
C GLY D 41 28.39 3.33 -20.87
N THR D 42 27.33 4.06 -21.17
CA THR D 42 26.74 4.99 -20.21
C THR D 42 25.54 4.39 -19.51
N VAL D 43 25.38 4.73 -18.24
CA VAL D 43 24.25 4.24 -17.45
C VAL D 43 23.31 5.39 -17.10
N ASN D 44 22.03 5.18 -17.40
CA ASN D 44 21.00 6.17 -17.11
C ASN D 44 20.02 5.44 -16.17
N ALA D 45 19.88 5.92 -14.95
CA ALA D 45 18.99 5.26 -14.00
C ALA D 45 18.01 6.14 -13.23
N HIS D 46 16.92 5.51 -12.79
CA HIS D 46 15.88 6.15 -11.98
C HIS D 46 15.55 5.10 -10.94
N PHE D 47 15.43 5.52 -9.69
CA PHE D 47 15.11 4.58 -8.61
C PHE D 47 14.14 5.25 -7.65
N GLU D 48 13.05 4.58 -7.34
CA GLU D 48 12.06 5.12 -6.42
C GLU D 48 11.44 4.02 -5.58
N LEU D 49 10.84 4.43 -4.47
CA LEU D 49 10.17 3.49 -3.58
C LEU D 49 8.68 3.63 -3.88
N CYS D 50 8.00 2.50 -4.05
CA CYS D 50 6.56 2.49 -4.33
C CYS D 50 5.88 1.62 -3.27
N PRO D 51 5.75 2.12 -2.03
CA PRO D 51 5.11 1.39 -0.92
C PRO D 51 3.65 1.12 -1.23
N ARG D 52 3.09 2.00 -2.05
CA ARG D 52 1.71 1.92 -2.47
C ARG D 52 1.57 0.75 -3.45
N GLU D 53 2.70 0.41 -4.08
CA GLU D 53 2.78 -0.67 -5.05
C GLU D 53 2.24 -0.22 -6.41
N HIS D 54 2.28 1.08 -6.66
CA HIS D 54 1.79 1.64 -7.92
C HIS D 54 2.81 1.48 -9.05
N THR D 55 2.89 0.28 -9.59
CA THR D 55 3.83 -0.01 -10.68
C THR D 55 3.68 0.99 -11.83
N GLN D 56 2.60 1.76 -11.81
CA GLN D 56 2.34 2.75 -12.85
C GLN D 56 3.50 3.73 -12.98
N ARG D 57 4.15 4.04 -11.85
CA ARG D 57 5.26 4.99 -11.86
C ARG D 57 6.39 4.53 -12.81
N ILE D 58 6.41 3.24 -13.13
CA ILE D 58 7.42 2.68 -14.03
C ILE D 58 7.36 3.29 -15.42
N LEU D 59 6.15 3.43 -15.97
CA LEU D 59 5.97 3.98 -17.32
C LEU D 59 6.64 5.33 -17.53
N PRO D 60 6.40 6.31 -16.63
CA PRO D 60 7.03 7.62 -16.82
C PRO D 60 8.56 7.49 -16.72
N MET D 61 9.03 6.61 -15.86
CA MET D 61 10.46 6.38 -15.71
C MET D 61 11.05 5.91 -17.04
N VAL D 62 10.38 4.94 -17.67
CA VAL D 62 10.84 4.42 -18.95
C VAL D 62 10.92 5.50 -20.01
N GLN D 63 9.85 6.27 -20.15
CA GLN D 63 9.82 7.31 -21.15
C GLN D 63 10.89 8.36 -20.91
N ASP D 64 11.02 8.82 -19.67
CA ASP D 64 12.03 9.82 -19.38
C ASP D 64 13.41 9.32 -19.77
N ILE D 65 13.71 8.07 -19.43
CA ILE D 65 15.02 7.51 -19.75
C ILE D 65 15.25 7.40 -21.25
N LEU D 66 14.27 6.89 -21.98
CA LEU D 66 14.42 6.76 -23.42
C LEU D 66 14.58 8.14 -24.05
N THR D 67 13.80 9.09 -23.58
CA THR D 67 13.85 10.46 -24.09
C THR D 67 15.20 11.12 -23.85
N THR D 68 15.62 11.17 -22.59
CA THR D 68 16.88 11.78 -22.21
C THR D 68 18.06 11.27 -23.03
N SER D 69 18.22 9.96 -23.07
CA SER D 69 19.31 9.34 -23.80
C SER D 69 19.13 9.35 -25.32
N GLY D 70 17.95 9.75 -25.77
CA GLY D 70 17.69 9.78 -27.20
C GLY D 70 17.58 8.39 -27.80
N THR D 71 17.39 7.41 -26.93
CA THR D 71 17.29 6.02 -27.33
C THR D 71 15.88 5.59 -27.69
N SER D 72 15.75 5.01 -28.88
CA SER D 72 14.47 4.52 -29.34
C SER D 72 14.37 3.07 -28.87
N LEU D 73 13.22 2.73 -28.30
CA LEU D 73 13.00 1.37 -27.79
C LEU D 73 13.36 0.30 -28.81
N THR D 74 12.87 0.45 -30.02
CA THR D 74 13.13 -0.50 -31.11
C THR D 74 14.61 -0.72 -31.41
N ASP D 75 15.46 0.21 -30.99
CA ASP D 75 16.89 0.08 -31.25
C ASP D 75 17.70 -0.52 -30.10
N ILE D 76 17.01 -1.03 -29.09
CA ILE D 76 17.65 -1.67 -27.94
C ILE D 76 17.95 -3.13 -28.31
N ASN D 77 18.95 -3.72 -27.66
CA ASN D 77 19.32 -5.10 -27.94
C ASN D 77 18.57 -6.09 -27.06
N ALA D 78 18.13 -5.63 -25.90
CA ALA D 78 17.39 -6.50 -24.98
C ALA D 78 16.73 -5.70 -23.86
N LEU D 79 15.71 -6.30 -23.29
CA LEU D 79 14.96 -5.70 -22.19
C LEU D 79 15.07 -6.68 -21.05
N ALA D 80 15.74 -6.28 -19.98
CA ALA D 80 15.93 -7.13 -18.81
C ALA D 80 14.82 -6.84 -17.80
N TYR D 81 14.33 -7.89 -17.15
CA TYR D 81 13.27 -7.74 -16.17
C TYR D 81 13.66 -8.37 -14.86
N GLY D 82 13.03 -7.88 -13.79
CA GLY D 82 13.29 -8.41 -12.46
C GLY D 82 12.41 -9.64 -12.31
N ARG D 83 13.00 -10.82 -12.37
CA ARG D 83 12.24 -12.05 -12.27
C ARG D 83 11.91 -12.47 -10.83
N GLY D 84 12.42 -11.74 -9.84
CA GLY D 84 12.17 -12.10 -8.46
C GLY D 84 13.31 -12.95 -7.88
N PRO D 85 13.10 -13.62 -6.75
CA PRO D 85 11.88 -13.66 -5.95
C PRO D 85 11.52 -12.32 -5.32
N GLY D 86 10.29 -12.22 -4.84
CA GLY D 86 9.85 -11.00 -4.21
C GLY D 86 8.34 -10.99 -4.10
N SER D 87 7.74 -9.82 -4.33
CA SER D 87 6.30 -9.66 -4.25
C SER D 87 5.63 -10.48 -5.36
N PHE D 88 4.64 -11.30 -5.00
CA PHE D 88 3.94 -12.12 -5.97
C PHE D 88 3.36 -11.24 -7.09
N THR D 89 2.53 -10.27 -6.70
CA THR D 89 1.90 -9.38 -7.66
C THR D 89 2.90 -8.40 -8.29
N GLY D 90 3.80 -7.88 -7.48
CA GLY D 90 4.79 -6.93 -7.99
C GLY D 90 5.66 -7.42 -9.12
N VAL D 91 6.20 -8.63 -8.97
CA VAL D 91 7.05 -9.21 -9.99
C VAL D 91 6.32 -9.47 -11.30
N ARG D 92 5.08 -9.96 -11.20
CA ARG D 92 4.33 -10.29 -12.40
C ARG D 92 3.85 -9.08 -13.18
N ILE D 93 3.53 -7.99 -12.49
CA ILE D 93 3.07 -6.79 -13.16
C ILE D 93 4.24 -6.21 -13.95
N GLY D 94 5.39 -6.09 -13.29
CA GLY D 94 6.58 -5.57 -13.93
C GLY D 94 6.98 -6.41 -15.14
N ILE D 95 6.90 -7.73 -14.98
CA ILE D 95 7.23 -8.64 -16.08
C ILE D 95 6.22 -8.39 -17.22
N GLY D 96 4.95 -8.22 -16.87
CA GLY D 96 3.93 -7.98 -17.87
C GLY D 96 4.21 -6.69 -18.63
N ILE D 97 4.55 -5.63 -17.90
CA ILE D 97 4.86 -4.35 -18.53
C ILE D 97 6.04 -4.55 -19.49
N ALA D 98 7.07 -5.22 -18.99
CA ALA D 98 8.24 -5.49 -19.79
C ALA D 98 7.89 -6.29 -21.04
N GLN D 99 7.07 -7.33 -20.90
CA GLN D 99 6.68 -8.13 -22.06
C GLN D 99 6.00 -7.29 -23.15
N GLY D 100 5.05 -6.45 -22.75
CA GLY D 100 4.36 -5.62 -23.70
C GLY D 100 5.28 -4.66 -24.44
N LEU D 101 6.18 -4.03 -23.71
CA LEU D 101 7.12 -3.09 -24.32
C LEU D 101 7.98 -3.90 -25.29
N ALA D 102 8.37 -5.09 -24.86
CA ALA D 102 9.21 -5.97 -25.65
C ALA D 102 8.54 -6.47 -26.92
N LEU D 103 7.25 -6.78 -26.84
CA LEU D 103 6.56 -7.27 -28.02
C LEU D 103 6.48 -6.11 -29.01
N GLY D 104 6.05 -4.96 -28.50
CA GLY D 104 5.92 -3.80 -29.35
C GLY D 104 7.20 -3.39 -30.05
N ALA D 105 8.35 -3.74 -29.49
CA ALA D 105 9.62 -3.34 -30.10
C ALA D 105 10.49 -4.47 -30.63
N GLU D 106 9.93 -5.66 -30.78
CA GLU D 106 10.67 -6.82 -31.28
C GLU D 106 11.96 -7.06 -30.49
N LEU D 107 11.85 -7.19 -29.17
CA LEU D 107 13.03 -7.40 -28.35
C LEU D 107 13.00 -8.69 -27.54
N PRO D 108 14.18 -9.29 -27.35
CA PRO D 108 14.35 -10.52 -26.58
C PRO D 108 14.38 -10.04 -25.13
N MET D 109 14.16 -10.92 -24.16
CA MET D 109 14.16 -10.48 -22.79
C MET D 109 15.20 -11.21 -21.95
N ILE D 110 15.60 -10.58 -20.85
CA ILE D 110 16.58 -11.16 -19.97
C ILE D 110 16.05 -11.13 -18.54
N GLY D 111 15.95 -12.31 -17.94
CA GLY D 111 15.47 -12.39 -16.57
C GLY D 111 16.64 -12.27 -15.60
N VAL D 112 16.57 -11.31 -14.69
CA VAL D 112 17.65 -11.12 -13.71
C VAL D 112 17.13 -11.33 -12.30
N SER D 113 17.84 -12.16 -11.54
CA SER D 113 17.48 -12.45 -10.16
C SER D 113 17.54 -11.19 -9.29
N THR D 114 16.53 -11.03 -8.45
CA THR D 114 16.43 -9.88 -7.57
C THR D 114 17.49 -9.98 -6.47
N LEU D 115 17.87 -11.21 -6.14
CA LEU D 115 18.86 -11.48 -5.11
C LEU D 115 20.25 -11.17 -5.66
N MET D 116 20.51 -11.67 -6.86
CA MET D 116 21.82 -11.42 -7.46
C MET D 116 21.94 -9.92 -7.71
N THR D 117 20.83 -9.27 -8.02
CA THR D 117 20.86 -7.84 -8.29
C THR D 117 21.34 -7.04 -7.09
N MET D 118 20.92 -7.44 -5.89
CA MET D 118 21.33 -6.74 -4.69
C MET D 118 22.80 -7.04 -4.38
N ALA D 119 23.28 -8.21 -4.80
CA ALA D 119 24.68 -8.56 -4.58
C ALA D 119 25.51 -7.64 -5.47
N GLN D 120 25.11 -7.53 -6.74
CA GLN D 120 25.82 -6.65 -7.67
C GLN D 120 25.82 -5.26 -7.05
N GLY D 121 24.71 -4.91 -6.40
CA GLY D 121 24.62 -3.62 -5.75
C GLY D 121 25.62 -3.38 -4.62
N ALA D 122 25.85 -4.39 -3.80
CA ALA D 122 26.81 -4.29 -2.70
C ALA D 122 28.23 -4.13 -3.28
N TRP D 123 28.50 -4.85 -4.36
CA TRP D 123 29.81 -4.76 -5.00
C TRP D 123 30.02 -3.32 -5.48
N ARG D 124 28.99 -2.74 -6.08
CA ARG D 124 29.06 -1.38 -6.60
C ARG D 124 29.35 -0.39 -5.48
N LYS D 125 28.57 -0.48 -4.40
CA LYS D 125 28.71 0.42 -3.27
C LYS D 125 30.00 0.27 -2.47
N ASN D 126 30.41 -0.96 -2.16
CA ASN D 126 31.61 -1.15 -1.35
C ASN D 126 32.53 -2.30 -1.76
N GLY D 127 32.47 -2.72 -3.02
CA GLY D 127 33.32 -3.79 -3.49
C GLY D 127 33.08 -5.17 -2.89
N ALA D 128 31.96 -5.34 -2.18
CA ALA D 128 31.64 -6.63 -1.57
C ALA D 128 31.76 -7.73 -2.62
N THR D 129 32.37 -8.85 -2.25
CA THR D 129 32.56 -9.93 -3.20
C THR D 129 31.86 -11.24 -2.81
N ARG D 130 31.42 -11.33 -1.57
CA ARG D 130 30.71 -12.52 -1.08
C ARG D 130 29.46 -12.02 -0.37
N VAL D 131 28.33 -12.20 -1.04
CA VAL D 131 27.06 -11.71 -0.53
C VAL D 131 26.01 -12.74 -0.10
N LEU D 132 25.41 -12.48 1.05
CA LEU D 132 24.34 -13.30 1.61
C LEU D 132 23.09 -12.42 1.45
N ALA D 133 22.26 -12.76 0.46
CA ALA D 133 21.05 -11.99 0.21
C ALA D 133 19.84 -12.61 0.91
N ALA D 134 19.13 -11.79 1.68
CA ALA D 134 17.96 -12.27 2.41
C ALA D 134 16.81 -11.27 2.26
N ILE D 135 15.67 -11.78 1.81
CA ILE D 135 14.50 -10.94 1.63
C ILE D 135 13.33 -11.43 2.47
N ASP D 136 12.76 -10.53 3.26
CA ASP D 136 11.61 -10.87 4.07
C ASP D 136 10.51 -11.19 3.06
N ALA D 137 10.01 -12.42 3.07
CA ALA D 137 8.99 -12.82 2.09
C ALA D 137 7.53 -12.66 2.53
N ARG D 138 7.28 -11.82 3.53
CA ARG D 138 5.92 -11.57 4.02
C ARG D 138 5.13 -12.84 4.28
N MET D 139 5.66 -13.66 5.17
CA MET D 139 5.07 -14.93 5.58
C MET D 139 5.94 -15.23 6.77
N GLY D 140 6.16 -16.50 7.02
CA GLY D 140 7.05 -16.86 8.11
C GLY D 140 8.34 -17.28 7.43
N GLU D 141 8.58 -16.76 6.23
CA GLU D 141 9.75 -17.15 5.46
C GLU D 141 10.61 -16.04 4.89
N VAL D 142 11.67 -16.47 4.21
CA VAL D 142 12.63 -15.56 3.62
C VAL D 142 13.26 -16.13 2.35
N TYR D 143 13.52 -15.25 1.40
CA TYR D 143 14.16 -15.60 0.13
C TYR D 143 15.65 -15.51 0.41
N TRP D 144 16.35 -16.61 0.14
CA TRP D 144 17.78 -16.72 0.42
C TRP D 144 18.70 -17.07 -0.75
N ALA D 145 19.93 -16.57 -0.68
CA ALA D 145 20.95 -16.82 -1.71
C ALA D 145 22.35 -16.46 -1.20
N GLU D 146 23.34 -17.22 -1.66
CA GLU D 146 24.74 -17.01 -1.28
C GLU D 146 25.47 -16.72 -2.58
N TYR D 147 25.86 -15.47 -2.79
CA TYR D 147 26.55 -15.09 -4.02
C TYR D 147 28.02 -14.73 -3.84
N GLN D 148 28.83 -15.26 -4.75
CA GLN D 148 30.26 -15.03 -4.75
C GLN D 148 30.71 -14.58 -6.13
N ARG D 149 31.34 -13.42 -6.18
CA ARG D 149 31.82 -12.82 -7.42
C ARG D 149 33.22 -13.30 -7.73
N ASP D 150 33.41 -13.90 -8.91
CA ASP D 150 34.74 -14.36 -9.30
C ASP D 150 35.55 -13.17 -9.84
N GLU D 151 36.76 -13.44 -10.33
CA GLU D 151 37.61 -12.36 -10.85
C GLU D 151 37.05 -11.74 -12.12
N ASN D 152 36.28 -12.51 -12.89
CA ASN D 152 35.70 -11.99 -14.12
C ASN D 152 34.44 -11.19 -13.82
N GLY D 153 34.13 -11.04 -12.53
CA GLY D 153 32.96 -10.28 -12.14
C GLY D 153 31.63 -10.96 -12.31
N ILE D 154 31.62 -12.27 -12.57
CA ILE D 154 30.36 -12.99 -12.72
C ILE D 154 29.99 -13.65 -11.39
N TRP D 155 28.74 -13.46 -10.99
CA TRP D 155 28.25 -14.02 -9.72
C TRP D 155 27.91 -15.49 -9.78
N HIS D 156 28.43 -16.24 -8.82
CA HIS D 156 28.18 -17.67 -8.70
C HIS D 156 27.31 -17.93 -7.50
N GLY D 157 26.47 -18.97 -7.58
CA GLY D 157 25.62 -19.30 -6.45
C GLY D 157 24.13 -19.16 -6.74
N GLU D 158 23.79 -19.02 -8.01
CA GLU D 158 22.40 -18.89 -8.38
C GLU D 158 21.63 -20.14 -7.97
N GLU D 159 22.34 -21.26 -7.87
CA GLU D 159 21.71 -22.52 -7.48
C GLU D 159 21.37 -22.57 -6.00
N THR D 160 21.88 -21.61 -5.23
CA THR D 160 21.62 -21.60 -3.80
C THR D 160 20.37 -20.78 -3.45
N GLU D 161 19.63 -20.32 -4.46
CA GLU D 161 18.43 -19.53 -4.19
C GLU D 161 17.34 -20.42 -3.64
N ALA D 162 16.75 -20.03 -2.51
CA ALA D 162 15.71 -20.82 -1.90
C ALA D 162 14.78 -20.00 -1.02
N VAL D 163 13.63 -20.60 -0.70
CA VAL D 163 12.69 -19.93 0.18
C VAL D 163 12.83 -20.75 1.46
N LEU D 164 13.20 -20.09 2.55
CA LEU D 164 13.42 -20.79 3.81
C LEU D 164 12.84 -20.15 5.04
N LYS D 165 12.57 -20.97 6.05
CA LYS D 165 12.07 -20.50 7.32
C LYS D 165 13.29 -19.82 7.95
N PRO D 166 13.08 -18.76 8.74
CA PRO D 166 14.21 -18.06 9.36
C PRO D 166 15.18 -18.95 10.12
N GLU D 167 14.66 -19.95 10.84
CA GLU D 167 15.50 -20.84 11.64
C GLU D 167 16.49 -21.62 10.80
N ILE D 168 16.06 -22.03 9.61
CA ILE D 168 16.91 -22.82 8.72
C ILE D 168 18.05 -22.04 8.08
N VAL D 169 17.94 -20.72 8.07
CA VAL D 169 18.98 -19.90 7.47
C VAL D 169 20.33 -19.96 8.18
N HIS D 170 20.36 -19.82 9.50
CA HIS D 170 21.65 -19.88 10.18
C HIS D 170 22.24 -21.28 10.06
N GLU D 171 21.38 -22.23 9.70
CA GLU D 171 21.80 -23.61 9.51
C GLU D 171 22.64 -23.62 8.23
N ARG D 172 22.12 -22.96 7.19
CA ARG D 172 22.80 -22.87 5.92
C ARG D 172 24.11 -22.09 6.06
N MET D 173 24.08 -21.03 6.85
CA MET D 173 25.25 -20.20 7.05
C MET D 173 26.37 -20.96 7.75
N GLN D 174 25.98 -21.91 8.60
CA GLN D 174 26.94 -22.71 9.35
C GLN D 174 27.74 -23.61 8.42
N GLN D 175 27.29 -23.72 7.18
CA GLN D 175 27.98 -24.53 6.18
C GLN D 175 28.97 -23.63 5.42
N LEU D 176 28.95 -22.36 5.77
CA LEU D 176 29.81 -21.40 5.11
C LEU D 176 30.96 -21.00 6.01
N SER D 177 31.90 -20.24 5.46
CA SER D 177 33.06 -19.79 6.20
C SER D 177 33.55 -18.47 5.62
N GLY D 178 34.30 -17.72 6.42
CA GLY D 178 34.84 -16.46 5.95
C GLY D 178 33.99 -15.23 6.25
N GLU D 179 34.31 -14.14 5.56
CA GLU D 179 33.58 -12.90 5.74
C GLU D 179 32.53 -12.70 4.64
N TRP D 180 31.36 -12.23 5.05
CA TRP D 180 30.26 -11.98 4.13
C TRP D 180 29.58 -10.64 4.43
N VAL D 181 29.01 -10.02 3.41
CA VAL D 181 28.27 -8.78 3.61
C VAL D 181 26.81 -9.21 3.49
N THR D 182 25.91 -8.48 4.14
CA THR D 182 24.50 -8.82 4.10
C THR D 182 23.65 -7.79 3.36
N VAL D 183 22.76 -8.26 2.49
CA VAL D 183 21.89 -7.36 1.74
C VAL D 183 20.46 -7.88 1.81
N GLY D 184 19.49 -6.99 1.67
CA GLY D 184 18.10 -7.41 1.71
C GLY D 184 17.33 -7.07 2.98
N THR D 185 16.02 -7.01 2.88
CA THR D 185 15.15 -6.70 4.00
C THR D 185 15.09 -7.84 5.02
N GLY D 186 15.51 -9.02 4.59
CA GLY D 186 15.48 -10.17 5.48
C GLY D 186 16.27 -9.96 6.75
N TRP D 187 17.34 -9.19 6.66
CA TRP D 187 18.21 -8.93 7.81
C TRP D 187 17.59 -7.95 8.80
N GLN D 188 16.55 -7.24 8.35
CA GLN D 188 15.86 -6.27 9.19
C GLN D 188 14.73 -6.98 9.91
N ALA D 189 13.96 -7.75 9.16
CA ALA D 189 12.83 -8.49 9.69
C ALA D 189 13.26 -9.46 10.76
N TRP D 190 14.43 -10.05 10.58
CA TRP D 190 14.94 -11.01 11.55
C TRP D 190 16.34 -10.71 12.03
N PRO D 191 16.47 -9.78 12.99
CA PRO D 191 17.83 -9.51 13.47
C PRO D 191 18.26 -10.85 14.07
N ASP D 192 19.56 -11.09 14.20
CA ASP D 192 20.05 -12.34 14.74
C ASP D 192 19.86 -13.46 13.71
N LEU D 193 19.43 -13.10 12.50
CA LEU D 193 19.25 -14.11 11.47
C LEU D 193 20.54 -14.91 11.34
N GLY D 194 21.67 -14.21 11.45
CA GLY D 194 22.96 -14.87 11.33
C GLY D 194 23.59 -15.23 12.67
N LYS D 195 22.83 -15.16 13.75
CA LYS D 195 23.37 -15.51 15.07
C LYS D 195 23.71 -16.99 15.10
N GLU D 196 24.70 -17.33 15.91
CA GLU D 196 25.15 -18.72 16.05
C GLU D 196 25.52 -19.32 14.69
N SER D 197 25.90 -18.47 13.75
CA SER D 197 26.30 -18.91 12.41
C SER D 197 27.79 -19.20 12.37
N GLY D 198 28.55 -18.46 13.17
CA GLY D 198 30.00 -18.63 13.19
C GLY D 198 30.69 -17.86 12.08
N LEU D 199 29.99 -16.87 11.53
CA LEU D 199 30.54 -16.06 10.44
C LEU D 199 30.78 -14.60 10.83
N VAL D 200 31.76 -13.99 10.17
CA VAL D 200 32.06 -12.58 10.40
C VAL D 200 31.13 -11.87 9.42
N LEU D 201 30.26 -11.00 9.91
CA LEU D 201 29.30 -10.33 9.04
C LEU D 201 29.35 -8.81 9.06
N ARG D 202 29.13 -8.23 7.88
CA ARG D 202 29.09 -6.78 7.72
C ARG D 202 27.90 -6.40 6.85
N ASP D 203 27.27 -5.27 7.15
CA ASP D 203 26.14 -4.79 6.40
C ASP D 203 26.61 -4.44 4.98
N GLY D 204 25.97 -5.02 3.98
CA GLY D 204 26.33 -4.73 2.60
C GLY D 204 25.75 -3.38 2.17
N GLU D 205 24.93 -2.82 3.05
CA GLU D 205 24.27 -1.54 2.82
C GLU D 205 23.43 -1.44 1.55
N VAL D 206 22.70 -2.51 1.27
CA VAL D 206 21.79 -2.57 0.13
C VAL D 206 20.53 -3.25 0.66
N LEU D 207 19.45 -2.48 0.72
CA LEU D 207 18.17 -2.98 1.22
C LEU D 207 17.25 -3.52 0.14
N LEU D 208 17.26 -2.86 -1.02
CA LEU D 208 16.40 -3.27 -2.13
C LEU D 208 17.18 -3.30 -3.44
N PRO D 209 16.68 -4.05 -4.43
CA PRO D 209 17.37 -4.11 -5.72
C PRO D 209 17.19 -2.81 -6.48
N ALA D 210 18.10 -2.54 -7.41
CA ALA D 210 18.04 -1.35 -8.24
C ALA D 210 18.34 -1.77 -9.67
N ALA D 211 17.48 -1.34 -10.59
CA ALA D 211 17.65 -1.66 -12.00
C ALA D 211 19.05 -1.41 -12.55
N GLU D 212 19.70 -0.34 -12.09
CA GLU D 212 21.03 -0.05 -12.59
C GLU D 212 21.98 -1.21 -12.31
N ASP D 213 21.72 -1.95 -11.25
CA ASP D 213 22.56 -3.08 -10.91
C ASP D 213 22.25 -4.28 -11.79
N MET D 214 21.09 -4.24 -12.44
CA MET D 214 20.66 -5.32 -13.34
C MET D 214 21.46 -5.28 -14.64
N LEU D 215 21.84 -4.08 -15.05
CA LEU D 215 22.58 -3.86 -16.29
C LEU D 215 23.85 -4.70 -16.47
N PRO D 216 24.78 -4.64 -15.51
CA PRO D 216 26.01 -5.43 -15.64
C PRO D 216 25.67 -6.91 -15.84
N ILE D 217 24.75 -7.41 -15.02
CA ILE D 217 24.36 -8.81 -15.14
C ILE D 217 23.72 -9.07 -16.50
N ALA D 218 22.79 -8.21 -16.89
CA ALA D 218 22.10 -8.37 -18.17
C ALA D 218 23.10 -8.39 -19.34
N CYS D 219 24.10 -7.52 -19.28
CA CYS D 219 25.10 -7.45 -20.34
C CYS D 219 25.87 -8.76 -20.47
N GLN D 220 26.21 -9.37 -19.33
CA GLN D 220 26.92 -10.65 -19.36
C GLN D 220 26.01 -11.74 -19.93
N MET D 221 24.77 -11.75 -19.49
CA MET D 221 23.82 -12.77 -19.94
C MET D 221 23.55 -12.68 -21.43
N PHE D 222 23.52 -11.46 -21.96
CA PHE D 222 23.27 -11.27 -23.38
C PHE D 222 24.46 -11.76 -24.22
N ALA D 223 25.67 -11.52 -23.72
CA ALA D 223 26.86 -11.96 -24.43
C ALA D 223 26.88 -13.50 -24.39
N GLU D 224 26.39 -14.06 -23.28
CA GLU D 224 26.34 -15.50 -23.07
C GLU D 224 25.15 -16.15 -23.77
N GLY D 225 24.29 -15.34 -24.35
CA GLY D 225 23.12 -15.88 -25.03
C GLY D 225 22.04 -16.35 -24.07
N LYS D 226 22.08 -15.86 -22.84
CA LYS D 226 21.09 -16.26 -21.85
C LYS D 226 19.87 -15.35 -21.86
N THR D 227 19.13 -15.39 -22.95
CA THR D 227 17.93 -14.57 -23.14
C THR D 227 16.69 -15.44 -23.28
N VAL D 228 15.53 -14.81 -23.33
CA VAL D 228 14.29 -15.55 -23.47
C VAL D 228 13.34 -14.77 -24.38
N ALA D 229 12.49 -15.48 -25.10
CA ALA D 229 11.53 -14.82 -25.97
C ALA D 229 10.47 -14.23 -25.06
N VAL D 230 9.73 -13.25 -25.56
CA VAL D 230 8.69 -12.61 -24.79
C VAL D 230 7.70 -13.64 -24.23
N GLU D 231 7.31 -14.58 -25.09
CA GLU D 231 6.36 -15.62 -24.72
C GLU D 231 6.76 -16.48 -23.53
N HIS D 232 8.04 -16.52 -23.19
CA HIS D 232 8.46 -17.34 -22.05
C HIS D 232 9.13 -16.57 -20.92
N ALA D 233 8.94 -15.25 -20.93
CA ALA D 233 9.47 -14.40 -19.89
C ALA D 233 8.55 -14.66 -18.69
N GLU D 234 9.11 -15.07 -17.57
CA GLU D 234 8.28 -15.35 -16.41
C GLU D 234 9.05 -15.26 -15.09
N PRO D 235 8.33 -15.16 -13.96
CA PRO D 235 8.98 -15.07 -12.67
C PRO D 235 9.61 -16.38 -12.24
N VAL D 236 10.59 -16.29 -11.34
CA VAL D 236 11.27 -17.46 -10.83
C VAL D 236 10.37 -18.12 -9.79
N TYR D 237 10.37 -19.45 -9.75
CA TYR D 237 9.56 -20.15 -8.77
C TYR D 237 10.53 -20.86 -7.83
N LEU D 238 10.46 -20.54 -6.55
CA LEU D 238 11.34 -21.15 -5.56
C LEU D 238 10.59 -22.17 -4.71
N ARG D 239 9.45 -21.87 -4.29
#